data_2XMP
#
_entry.id   2XMP
#
_cell.length_a   80.874
_cell.length_b   63.017
_cell.length_c   91.107
_cell.angle_alpha   90.00
_cell.angle_beta   98.84
_cell.angle_gamma   90.00
#
_symmetry.space_group_name_H-M   'P 1 21 1'
#
loop_
_entity.id
_entity.type
_entity.pdbx_description
1 polymer 'TREHALOSE-SYNTHASE TRET'
2 non-polymer "URIDINE-5'-DIPHOSPHATE"
3 water water
#
_entity_poly.entity_id   1
_entity_poly.type   'polypeptide(L)'
_entity_poly.pdbx_seq_one_letter_code
;MKMYEVKEFSSGKRKLEDYKSIIGEEEVSKIQEKAEKLKGRSFVHVNSTSFGGGVAEILHSLVPLLRSIGIEARWFVIEG
PTEFFNVTKTFHNALQGNESLKLTEEMKELYLNVNRENSKFIDLSSFDYVLVHDPQPAALIEFYEKKSPWLWRCHIDLSS
PNREFWEFLRRFVEKYDRYIFHLPEYVQPELDRNKAVIMPPSIDPLSEKNVELKQTEILRILERFDVDPEKPIITQVSRF
DPWKGIFDVIEIYRKVKEKIPGVQLLLVGVMAHDDPEGWIYFEKTLRKIGEDYDVKVLTNLIGVHAREVNAFQRASDVIL
QMSIRAGFGLTVTEAMWKGKPVIGRAVGGIKFQIVDGETGFLVRDANEAVEVVLYLLKHPEVSKEMGAKAKERVRKNFII
TKHMERYLDILNSLGG
;
_entity_poly.pdbx_strand_id   A,B
#
# COMPACT_ATOMS: atom_id res chain seq x y z
N MET A 3 -7.07 32.62 -21.73
CA MET A 3 -6.52 31.23 -21.84
C MET A 3 -5.30 31.12 -20.92
N TYR A 4 -5.36 30.17 -20.00
CA TYR A 4 -4.27 29.96 -19.06
C TYR A 4 -3.55 28.65 -19.36
N GLU A 5 -2.48 28.38 -18.62
CA GLU A 5 -1.69 27.16 -18.78
C GLU A 5 -1.50 26.45 -17.44
N VAL A 6 -1.34 25.13 -17.49
CA VAL A 6 -1.19 24.35 -16.27
C VAL A 6 0.23 24.37 -15.70
N LYS A 7 1.22 24.13 -16.56
CA LYS A 7 2.63 24.11 -16.16
C LYS A 7 2.93 23.09 -15.06
N GLU A 8 1.95 22.88 -14.18
CA GLU A 8 2.09 21.93 -13.08
C GLU A 8 1.18 20.74 -13.34
N PHE A 9 1.13 19.81 -12.39
CA PHE A 9 0.31 18.60 -12.51
C PHE A 9 0.09 17.96 -11.14
N SER A 10 -1.15 17.98 -10.66
CA SER A 10 -1.45 17.40 -9.37
C SER A 10 -0.91 15.97 -9.23
N SER A 11 -1.15 15.15 -10.26
CA SER A 11 -0.68 13.76 -10.26
C SER A 11 0.78 13.68 -9.82
N GLY A 12 1.54 14.70 -10.15
CA GLY A 12 2.94 14.75 -9.81
C GLY A 12 3.78 14.70 -11.06
N LYS A 13 4.96 14.11 -10.97
CA LYS A 13 5.84 14.00 -12.12
C LYS A 13 5.66 12.69 -12.87
N ARG A 14 4.40 12.33 -13.12
CA ARG A 14 4.07 11.11 -13.83
C ARG A 14 4.99 10.91 -15.03
N LYS A 15 5.61 9.74 -15.10
CA LYS A 15 6.50 9.41 -16.20
C LYS A 15 6.27 7.95 -16.53
N LEU A 16 6.37 7.63 -17.82
CA LEU A 16 6.15 6.27 -18.32
C LEU A 16 6.69 5.25 -17.34
N GLU A 17 7.86 5.55 -16.78
CA GLU A 17 8.51 4.66 -15.83
C GLU A 17 7.64 4.27 -14.62
N ASP A 18 6.79 5.18 -14.18
CA ASP A 18 5.92 4.91 -13.04
C ASP A 18 4.91 3.78 -13.30
N TYR A 19 4.89 3.27 -14.53
CA TYR A 19 3.98 2.18 -14.89
C TYR A 19 4.74 0.97 -15.40
N LYS A 20 6.07 1.00 -15.29
CA LYS A 20 6.86 -0.12 -15.80
C LYS A 20 6.39 -1.40 -15.16
N SER A 21 6.18 -1.35 -13.85
CA SER A 21 5.74 -2.50 -13.09
C SER A 21 4.39 -3.03 -13.57
N ILE A 22 3.54 -2.12 -14.07
CA ILE A 22 2.21 -2.45 -14.54
C ILE A 22 2.11 -3.00 -15.96
N ILE A 23 2.75 -2.34 -16.91
CA ILE A 23 2.68 -2.78 -18.31
C ILE A 23 3.85 -3.60 -18.86
N GLY A 24 4.91 -3.78 -18.09
CA GLY A 24 6.02 -4.54 -18.60
C GLY A 24 6.95 -3.69 -19.45
N GLU A 25 8.20 -4.11 -19.57
CA GLU A 25 9.19 -3.38 -20.32
C GLU A 25 9.06 -3.44 -21.84
N GLU A 26 8.64 -4.57 -22.39
CA GLU A 26 8.50 -4.65 -23.83
C GLU A 26 7.57 -3.51 -24.26
N GLU A 27 6.46 -3.37 -23.54
CA GLU A 27 5.47 -2.35 -23.81
C GLU A 27 5.96 -0.94 -23.49
N VAL A 28 6.73 -0.79 -22.42
CA VAL A 28 7.25 0.53 -22.05
C VAL A 28 8.13 0.98 -23.21
N SER A 29 8.84 0.03 -23.81
CA SER A 29 9.70 0.31 -24.93
C SER A 29 8.86 0.65 -26.15
N LYS A 30 7.99 -0.29 -26.53
CA LYS A 30 7.12 -0.10 -27.70
C LYS A 30 6.52 1.32 -27.66
N ILE A 31 6.35 1.84 -26.46
CA ILE A 31 5.79 3.18 -26.29
C ILE A 31 6.88 4.16 -26.67
N GLN A 32 7.97 4.14 -25.89
CA GLN A 32 9.12 5.03 -26.12
C GLN A 32 9.54 5.12 -27.60
N GLU A 33 9.47 4.00 -28.29
CA GLU A 33 9.83 3.96 -29.70
C GLU A 33 8.93 4.88 -30.51
N LYS A 34 7.63 4.60 -30.46
CA LYS A 34 6.65 5.40 -31.20
C LYS A 34 6.68 6.88 -30.84
N ALA A 35 7.38 7.21 -29.75
CA ALA A 35 7.48 8.59 -29.30
C ALA A 35 8.77 9.26 -29.73
N GLU A 36 9.67 8.48 -30.33
CA GLU A 36 10.95 9.02 -30.81
C GLU A 36 10.70 9.78 -32.11
N LYS A 37 9.92 9.16 -32.98
CA LYS A 37 9.59 9.72 -34.27
C LYS A 37 8.88 11.07 -34.09
N LEU A 38 8.44 11.35 -32.87
CA LEU A 38 7.73 12.60 -32.57
C LEU A 38 8.47 13.39 -31.51
N LYS A 39 9.76 13.10 -31.36
CA LYS A 39 10.59 13.78 -30.37
C LYS A 39 10.78 15.28 -30.65
N GLY A 40 10.60 16.10 -29.61
CA GLY A 40 10.75 17.54 -29.75
C GLY A 40 9.57 18.26 -30.38
N ARG A 41 8.50 17.52 -30.65
CA ARG A 41 7.32 18.12 -31.26
C ARG A 41 6.44 18.87 -30.25
N SER A 42 5.56 19.71 -30.76
CA SER A 42 4.64 20.48 -29.92
C SER A 42 3.27 19.80 -29.93
N PHE A 43 2.80 19.41 -28.75
CA PHE A 43 1.52 18.73 -28.61
C PHE A 43 0.72 19.42 -27.50
N VAL A 44 -0.09 20.41 -27.87
CA VAL A 44 -0.88 21.16 -26.90
C VAL A 44 -2.33 20.71 -26.74
N HIS A 45 -2.81 20.82 -25.51
CA HIS A 45 -4.17 20.43 -25.17
C HIS A 45 -4.93 21.62 -24.60
N VAL A 46 -6.10 21.90 -25.15
CA VAL A 46 -6.90 23.02 -24.66
C VAL A 46 -8.26 22.52 -24.18
N ASN A 47 -8.73 23.07 -23.04
CA ASN A 47 -10.02 22.68 -22.49
C ASN A 47 -10.63 23.74 -21.58
N SER A 48 -11.72 23.39 -20.90
CA SER A 48 -12.44 24.33 -20.03
C SER A 48 -12.18 24.31 -18.53
N THR A 49 -11.15 23.62 -18.08
CA THR A 49 -10.84 23.59 -16.64
C THR A 49 -9.83 22.51 -16.26
N SER A 50 -9.04 22.80 -15.23
CA SER A 50 -8.04 21.85 -14.77
C SER A 50 -8.47 21.28 -13.43
N PHE A 51 -9.67 21.65 -12.99
CA PHE A 51 -10.19 21.19 -11.72
C PHE A 51 -11.27 20.11 -11.87
N GLY A 52 -12.53 20.53 -11.83
CA GLY A 52 -13.63 19.59 -11.96
C GLY A 52 -13.64 18.84 -13.27
N GLY A 53 -13.95 17.55 -13.20
CA GLY A 53 -14.03 16.74 -14.40
C GLY A 53 -13.04 15.60 -14.49
N GLY A 54 -13.33 14.65 -15.37
CA GLY A 54 -12.46 13.51 -15.58
C GLY A 54 -11.42 13.89 -16.60
N VAL A 55 -11.87 14.56 -17.66
CA VAL A 55 -10.97 15.02 -18.73
C VAL A 55 -9.82 15.78 -18.07
N ALA A 56 -10.15 16.59 -17.09
CA ALA A 56 -9.15 17.37 -16.37
C ALA A 56 -8.22 16.40 -15.68
N GLU A 57 -8.81 15.47 -14.93
CA GLU A 57 -8.04 14.47 -14.19
C GLU A 57 -7.16 13.66 -15.11
N ILE A 58 -7.67 13.36 -16.30
CA ILE A 58 -6.91 12.60 -17.29
C ILE A 58 -5.67 13.36 -17.77
N LEU A 59 -5.83 14.66 -18.01
CA LEU A 59 -4.73 15.50 -18.47
C LEU A 59 -3.60 15.60 -17.45
N HIS A 60 -3.97 15.82 -16.18
CA HIS A 60 -3.01 15.93 -15.09
C HIS A 60 -2.06 14.75 -15.07
N SER A 61 -2.46 13.65 -15.69
CA SER A 61 -1.62 12.46 -15.74
C SER A 61 -1.05 12.33 -17.14
N LEU A 62 -1.91 12.50 -18.13
CA LEU A 62 -1.54 12.37 -19.54
C LEU A 62 -0.45 13.30 -20.04
N VAL A 63 -0.53 14.58 -19.68
CA VAL A 63 0.47 15.53 -20.15
C VAL A 63 1.86 15.16 -19.64
N PRO A 64 2.03 15.06 -18.31
CA PRO A 64 3.32 14.71 -17.74
C PRO A 64 3.91 13.51 -18.47
N LEU A 65 3.08 12.50 -18.71
CA LEU A 65 3.53 11.31 -19.42
C LEU A 65 4.11 11.66 -20.77
N LEU A 66 3.32 12.32 -21.61
CA LEU A 66 3.78 12.72 -22.94
C LEU A 66 5.11 13.47 -22.81
N ARG A 67 5.18 14.33 -21.82
CA ARG A 67 6.38 15.12 -21.56
C ARG A 67 7.57 14.19 -21.39
N SER A 68 7.50 13.33 -20.36
CA SER A 68 8.57 12.39 -20.05
C SER A 68 8.87 11.34 -21.11
N ILE A 69 8.24 11.43 -22.28
CA ILE A 69 8.54 10.44 -23.32
C ILE A 69 9.17 11.06 -24.55
N GLY A 70 9.50 12.35 -24.47
CA GLY A 70 10.12 13.03 -25.60
C GLY A 70 9.28 14.03 -26.36
N ILE A 71 8.04 14.21 -25.93
CA ILE A 71 7.14 15.15 -26.59
C ILE A 71 6.84 16.39 -25.74
N GLU A 72 7.12 17.55 -26.30
CA GLU A 72 6.89 18.82 -25.60
C GLU A 72 5.40 19.07 -25.46
N ALA A 73 4.73 18.24 -24.68
CA ALA A 73 3.30 18.37 -24.45
C ALA A 73 3.02 19.57 -23.55
N ARG A 74 1.97 20.31 -23.86
CA ARG A 74 1.64 21.47 -23.04
C ARG A 74 0.13 21.57 -22.94
N TRP A 75 -0.37 22.07 -21.81
CA TRP A 75 -1.81 22.17 -21.60
C TRP A 75 -2.32 23.56 -21.23
N PHE A 76 -3.23 24.09 -22.03
CA PHE A 76 -3.82 25.41 -21.79
C PHE A 76 -5.32 25.27 -21.51
N VAL A 77 -5.85 26.18 -20.70
CA VAL A 77 -7.26 26.19 -20.32
C VAL A 77 -7.98 27.44 -20.82
N ILE A 78 -9.31 27.45 -20.74
CA ILE A 78 -10.11 28.58 -21.19
C ILE A 78 -10.70 29.30 -19.99
N GLU A 79 -10.62 30.63 -20.02
CA GLU A 79 -11.14 31.48 -18.97
C GLU A 79 -12.49 32.04 -19.43
N GLY A 80 -13.39 32.30 -18.50
CA GLY A 80 -14.68 32.84 -18.87
C GLY A 80 -15.63 33.14 -17.74
N PRO A 81 -16.63 34.02 -17.96
CA PRO A 81 -17.62 34.38 -16.94
C PRO A 81 -18.71 33.31 -16.88
N THR A 82 -19.42 33.24 -15.75
CA THR A 82 -20.45 32.25 -15.58
C THR A 82 -21.37 32.13 -16.79
N GLU A 83 -21.78 33.29 -17.31
CA GLU A 83 -22.67 33.33 -18.47
C GLU A 83 -22.13 32.51 -19.65
N PHE A 84 -20.83 32.23 -19.65
CA PHE A 84 -20.23 31.48 -20.73
C PHE A 84 -20.35 29.98 -20.50
N PHE A 85 -20.23 29.55 -19.25
CA PHE A 85 -20.32 28.15 -18.91
C PHE A 85 -21.74 27.64 -18.82
N ASN A 86 -22.65 28.52 -18.43
CA ASN A 86 -24.06 28.16 -18.36
C ASN A 86 -24.53 27.88 -19.78
N VAL A 87 -24.01 28.66 -20.72
CA VAL A 87 -24.35 28.51 -22.12
C VAL A 87 -23.77 27.20 -22.62
N THR A 88 -22.51 26.94 -22.25
CA THR A 88 -21.84 25.71 -22.66
C THR A 88 -22.48 24.51 -21.99
N LYS A 89 -23.11 24.74 -20.84
CA LYS A 89 -23.79 23.64 -20.16
C LYS A 89 -24.96 23.29 -21.07
N THR A 90 -25.67 24.32 -21.50
CA THR A 90 -26.79 24.12 -22.40
C THR A 90 -26.26 23.42 -23.66
N PHE A 91 -25.23 24.00 -24.27
CA PHE A 91 -24.63 23.41 -25.48
C PHE A 91 -24.42 21.93 -25.25
N HIS A 92 -23.81 21.62 -24.12
CA HIS A 92 -23.50 20.26 -23.71
C HIS A 92 -24.76 19.40 -23.73
N ASN A 93 -25.74 19.79 -22.92
CA ASN A 93 -27.01 19.08 -22.83
C ASN A 93 -27.74 19.04 -24.15
N ALA A 94 -27.53 20.04 -24.99
CA ALA A 94 -28.20 20.09 -26.28
C ALA A 94 -27.60 19.06 -27.22
N LEU A 95 -26.27 19.00 -27.25
CA LEU A 95 -25.54 18.06 -28.11
C LEU A 95 -25.88 16.62 -27.71
N GLN A 96 -26.20 16.44 -26.42
CA GLN A 96 -26.56 15.14 -25.90
C GLN A 96 -28.08 15.04 -25.82
N GLY A 97 -28.75 15.23 -26.95
CA GLY A 97 -30.21 15.17 -26.98
C GLY A 97 -30.88 16.39 -26.37
N ASN A 98 -31.96 16.18 -25.63
CA ASN A 98 -32.67 17.28 -25.02
C ASN A 98 -32.93 18.33 -26.08
N GLU A 99 -33.81 18.01 -27.04
CA GLU A 99 -34.08 18.94 -28.11
C GLU A 99 -35.13 19.98 -27.73
N SER A 100 -35.13 20.35 -26.45
CA SER A 100 -36.06 21.34 -25.94
C SER A 100 -35.29 22.63 -25.66
N LEU A 101 -34.00 22.60 -26.00
CA LEU A 101 -33.13 23.74 -25.80
C LEU A 101 -33.11 24.61 -27.04
N LYS A 102 -32.98 25.93 -26.84
CA LYS A 102 -32.98 26.91 -27.92
C LYS A 102 -31.65 27.67 -28.03
N LEU A 103 -31.04 27.65 -29.22
CA LEU A 103 -29.78 28.36 -29.40
C LEU A 103 -30.02 29.75 -29.97
N THR A 104 -29.77 30.76 -29.16
CA THR A 104 -29.97 32.15 -29.57
C THR A 104 -28.67 32.82 -29.99
N GLU A 105 -28.78 34.05 -30.47
CA GLU A 105 -27.63 34.81 -30.90
C GLU A 105 -26.81 35.29 -29.70
N GLU A 106 -27.50 35.74 -28.66
CA GLU A 106 -26.81 36.19 -27.46
C GLU A 106 -25.85 35.10 -27.03
N MET A 107 -26.23 33.86 -27.31
CA MET A 107 -25.41 32.70 -26.97
C MET A 107 -24.23 32.53 -27.94
N LYS A 108 -24.49 32.50 -29.25
CA LYS A 108 -23.42 32.33 -30.24
C LYS A 108 -22.40 33.47 -30.10
N GLU A 109 -22.91 34.68 -29.88
CA GLU A 109 -22.03 35.83 -29.73
C GLU A 109 -21.12 35.60 -28.52
N LEU A 110 -21.72 35.31 -27.37
CA LEU A 110 -20.96 35.06 -26.15
C LEU A 110 -19.93 33.96 -26.40
N TYR A 111 -20.41 32.80 -26.85
CA TYR A 111 -19.53 31.68 -27.12
C TYR A 111 -18.37 32.08 -28.03
N LEU A 112 -18.69 32.60 -29.21
CA LEU A 112 -17.66 32.99 -30.17
C LEU A 112 -16.70 34.06 -29.66
N ASN A 113 -17.22 35.04 -28.91
CA ASN A 113 -16.36 36.10 -28.39
C ASN A 113 -15.37 35.52 -27.40
N VAL A 114 -15.86 34.82 -26.39
CA VAL A 114 -14.99 34.21 -25.39
C VAL A 114 -13.86 33.47 -26.10
N ASN A 115 -14.18 32.84 -27.23
CA ASN A 115 -13.19 32.10 -28.00
C ASN A 115 -12.18 33.00 -28.69
N ARG A 116 -12.64 34.17 -29.12
CA ARG A 116 -11.77 35.13 -29.79
C ARG A 116 -10.71 35.64 -28.80
N GLU A 117 -11.18 36.17 -27.67
CA GLU A 117 -10.31 36.70 -26.63
C GLU A 117 -9.24 35.71 -26.17
N ASN A 118 -9.68 34.55 -25.70
CA ASN A 118 -8.73 33.54 -25.23
C ASN A 118 -7.79 33.08 -26.33
N SER A 119 -8.04 33.48 -27.58
CA SER A 119 -7.19 33.06 -28.68
C SER A 119 -6.02 34.02 -28.90
N LYS A 120 -6.15 35.24 -28.40
CA LYS A 120 -5.11 36.26 -28.56
C LYS A 120 -4.04 36.22 -27.47
N PHE A 121 -4.14 35.27 -26.57
CA PHE A 121 -3.15 35.16 -25.49
C PHE A 121 -1.99 34.24 -25.90
N ILE A 122 -2.31 33.09 -26.46
CA ILE A 122 -1.28 32.14 -26.87
C ILE A 122 -1.49 31.63 -28.29
N ASP A 123 -0.51 31.86 -29.17
CA ASP A 123 -0.62 31.40 -30.55
C ASP A 123 -0.56 29.89 -30.65
N LEU A 124 -1.70 29.27 -30.92
CA LEU A 124 -1.77 27.82 -31.03
C LEU A 124 -1.30 27.28 -32.39
N SER A 125 -1.45 28.07 -33.44
CA SER A 125 -1.05 27.62 -34.77
C SER A 125 0.45 27.32 -34.87
N SER A 126 1.21 27.81 -33.90
CA SER A 126 2.66 27.62 -33.86
C SER A 126 3.09 26.21 -33.49
N PHE A 127 2.23 25.48 -32.78
CA PHE A 127 2.55 24.13 -32.33
C PHE A 127 2.37 23.05 -33.39
N ASP A 128 3.28 22.07 -33.40
CA ASP A 128 3.24 20.99 -34.37
C ASP A 128 1.90 20.25 -34.35
N TYR A 129 1.26 20.21 -33.19
CA TYR A 129 -0.03 19.54 -33.05
C TYR A 129 -0.91 20.16 -31.96
N VAL A 130 -2.17 20.41 -32.30
CA VAL A 130 -3.12 21.00 -31.34
C VAL A 130 -4.35 20.12 -31.11
N LEU A 131 -4.68 19.89 -29.84
CA LEU A 131 -5.83 19.09 -29.49
C LEU A 131 -6.79 19.95 -28.70
N VAL A 132 -8.05 19.96 -29.11
CA VAL A 132 -9.05 20.74 -28.42
C VAL A 132 -10.08 19.80 -27.80
N HIS A 133 -10.32 19.96 -26.50
CA HIS A 133 -11.26 19.10 -25.77
C HIS A 133 -12.65 19.68 -25.54
N ASP A 134 -13.66 18.99 -26.07
CA ASP A 134 -15.06 19.38 -25.94
C ASP A 134 -15.46 20.73 -26.54
N PRO A 135 -16.77 20.98 -26.69
CA PRO A 135 -17.36 22.20 -27.24
C PRO A 135 -16.78 23.60 -26.97
N GLN A 136 -16.75 24.00 -25.71
CA GLN A 136 -16.28 25.32 -25.30
C GLN A 136 -15.17 25.94 -26.15
N PRO A 137 -14.06 25.22 -26.38
CA PRO A 137 -12.98 25.79 -27.18
C PRO A 137 -12.95 25.35 -28.65
N ALA A 138 -14.05 24.80 -29.15
CA ALA A 138 -14.08 24.36 -30.53
C ALA A 138 -13.83 25.51 -31.50
N ALA A 139 -14.46 26.64 -31.23
CA ALA A 139 -14.34 27.82 -32.08
C ALA A 139 -12.91 28.31 -32.32
N LEU A 140 -12.02 28.05 -31.37
CA LEU A 140 -10.64 28.47 -31.50
C LEU A 140 -10.05 28.26 -32.88
N ILE A 141 -10.32 27.10 -33.47
CA ILE A 141 -9.76 26.75 -34.77
C ILE A 141 -9.86 27.79 -35.88
N GLU A 142 -10.74 28.78 -35.76
CA GLU A 142 -10.81 29.75 -36.83
C GLU A 142 -10.32 31.14 -36.40
N PHE A 143 -9.29 31.14 -35.54
CA PHE A 143 -8.70 32.37 -35.06
C PHE A 143 -7.18 32.31 -35.19
N TYR A 144 -6.73 31.47 -36.13
CA TYR A 144 -5.31 31.30 -36.42
C TYR A 144 -5.25 30.69 -37.80
N GLU A 145 -4.14 30.87 -38.50
CA GLU A 145 -4.01 30.26 -39.80
C GLU A 145 -3.33 28.93 -39.56
N LYS A 146 -4.02 27.85 -39.87
CA LYS A 146 -3.47 26.51 -39.67
C LYS A 146 -2.12 26.33 -40.32
N LYS A 147 -1.20 25.73 -39.58
CA LYS A 147 0.15 25.47 -40.04
C LYS A 147 0.43 24.02 -39.70
N SER A 148 -0.37 23.49 -38.77
CA SER A 148 -0.23 22.12 -38.30
C SER A 148 -1.61 21.48 -38.15
N PRO A 149 -1.64 20.15 -37.97
CA PRO A 149 -2.93 19.47 -37.81
C PRO A 149 -3.65 19.86 -36.51
N TRP A 150 -4.98 19.98 -36.59
CA TRP A 150 -5.79 20.31 -35.43
C TRP A 150 -6.72 19.14 -35.16
N LEU A 151 -6.82 18.74 -33.90
CA LEU A 151 -7.65 17.62 -33.52
C LEU A 151 -8.78 18.00 -32.59
N TRP A 152 -9.95 17.43 -32.85
CA TRP A 152 -11.15 17.65 -32.05
C TRP A 152 -11.42 16.42 -31.21
N ARG A 153 -11.40 16.58 -29.90
CA ARG A 153 -11.63 15.48 -28.99
C ARG A 153 -13.02 15.62 -28.37
N CYS A 154 -13.86 14.62 -28.59
CA CYS A 154 -15.21 14.65 -28.04
C CYS A 154 -15.33 13.70 -26.86
N HIS A 155 -15.90 14.20 -25.76
CA HIS A 155 -16.08 13.41 -24.55
C HIS A 155 -17.55 13.25 -24.23
N ILE A 156 -18.40 13.39 -25.24
CA ILE A 156 -19.84 13.28 -25.03
C ILE A 156 -20.49 12.59 -26.21
N ASP A 157 -21.80 12.36 -26.14
CA ASP A 157 -22.46 11.69 -27.25
C ASP A 157 -22.95 12.65 -28.31
N LEU A 158 -22.71 12.28 -29.56
CA LEU A 158 -23.11 13.08 -30.71
C LEU A 158 -23.84 12.19 -31.72
N SER A 159 -24.76 11.38 -31.23
CA SER A 159 -25.53 10.50 -32.11
C SER A 159 -26.91 11.11 -32.32
N SER A 160 -27.43 11.71 -31.24
CA SER A 160 -28.74 12.35 -31.28
C SER A 160 -28.64 13.76 -30.70
N PRO A 161 -27.90 14.65 -31.38
CA PRO A 161 -27.74 16.03 -30.92
C PRO A 161 -28.83 17.00 -31.38
N ASN A 162 -29.04 18.05 -30.59
CA ASN A 162 -30.03 19.07 -30.90
C ASN A 162 -29.61 19.75 -32.20
N ARG A 163 -30.29 19.43 -33.30
CA ARG A 163 -30.01 20.00 -34.61
C ARG A 163 -29.48 21.45 -34.59
N GLU A 164 -30.26 22.38 -34.04
CA GLU A 164 -29.87 23.79 -33.97
C GLU A 164 -28.41 23.95 -33.55
N PHE A 165 -28.07 23.32 -32.43
CA PHE A 165 -26.72 23.40 -31.88
C PHE A 165 -25.64 22.69 -32.69
N TRP A 166 -25.96 21.58 -33.32
CA TRP A 166 -24.94 20.86 -34.09
C TRP A 166 -24.53 21.58 -35.37
N GLU A 167 -25.50 22.23 -36.02
CA GLU A 167 -25.23 22.95 -37.27
C GLU A 167 -24.30 24.12 -36.99
N PHE A 168 -24.29 24.56 -35.74
CA PHE A 168 -23.46 25.69 -35.32
C PHE A 168 -22.04 25.23 -34.96
N LEU A 169 -21.94 24.17 -34.15
CA LEU A 169 -20.64 23.65 -33.75
C LEU A 169 -19.91 23.04 -34.94
N ARG A 170 -20.67 22.40 -35.83
CA ARG A 170 -20.11 21.76 -37.02
C ARG A 170 -19.30 22.69 -37.93
N ARG A 171 -19.46 23.99 -37.75
CA ARG A 171 -18.71 24.94 -38.58
C ARG A 171 -17.30 25.02 -38.06
N PHE A 172 -17.10 24.50 -36.86
CA PHE A 172 -15.80 24.52 -36.21
C PHE A 172 -15.17 23.13 -36.25
N VAL A 173 -15.93 22.12 -35.86
CA VAL A 173 -15.43 20.75 -35.86
C VAL A 173 -14.97 20.29 -37.26
N GLU A 174 -15.76 20.57 -38.28
CA GLU A 174 -15.40 20.16 -39.63
C GLU A 174 -14.03 20.67 -40.06
N LYS A 175 -13.56 21.75 -39.43
CA LYS A 175 -12.25 22.31 -39.75
C LYS A 175 -11.07 21.40 -39.37
N TYR A 176 -11.10 20.88 -38.14
CA TYR A 176 -10.04 20.00 -37.64
C TYR A 176 -9.69 18.85 -38.59
N ASP A 177 -8.46 18.32 -38.45
CA ASP A 177 -7.98 17.23 -39.31
C ASP A 177 -8.55 15.87 -38.97
N ARG A 178 -8.73 15.60 -37.68
CA ARG A 178 -9.29 14.34 -37.22
C ARG A 178 -10.20 14.65 -36.04
N TYR A 179 -11.32 13.95 -35.95
CA TYR A 179 -12.24 14.14 -34.84
C TYR A 179 -12.19 12.85 -34.04
N ILE A 180 -12.00 12.96 -32.72
CA ILE A 180 -11.90 11.77 -31.87
C ILE A 180 -13.11 11.52 -30.99
N PHE A 181 -13.66 10.31 -31.07
CA PHE A 181 -14.83 9.94 -30.28
C PHE A 181 -14.58 8.68 -29.44
N HIS A 182 -15.32 8.53 -28.35
CA HIS A 182 -15.17 7.37 -27.48
C HIS A 182 -15.67 6.09 -28.18
N LEU A 183 -16.79 6.21 -28.89
CA LEU A 183 -17.39 5.06 -29.58
C LEU A 183 -17.96 5.31 -30.97
N PRO A 184 -17.85 4.32 -31.86
CA PRO A 184 -18.37 4.42 -33.23
C PRO A 184 -19.89 4.53 -33.25
N GLU A 185 -20.41 5.51 -32.52
CA GLU A 185 -21.86 5.74 -32.45
C GLU A 185 -22.05 7.24 -32.24
N TYR A 186 -21.02 7.86 -31.69
CA TYR A 186 -21.02 9.30 -31.39
C TYR A 186 -20.54 10.09 -32.61
N VAL A 187 -20.12 9.38 -33.65
CA VAL A 187 -19.59 10.01 -34.86
C VAL A 187 -20.68 10.48 -35.83
N GLN A 188 -21.11 11.73 -35.67
CA GLN A 188 -22.13 12.30 -36.54
C GLN A 188 -21.79 12.15 -38.02
N PRO A 189 -22.81 11.87 -38.85
CA PRO A 189 -22.66 11.69 -40.31
C PRO A 189 -22.20 12.95 -41.05
N GLU A 190 -22.56 14.13 -40.57
CA GLU A 190 -22.16 15.38 -41.20
C GLU A 190 -20.64 15.45 -41.31
N LEU A 191 -19.97 14.47 -40.72
CA LEU A 191 -18.52 14.40 -40.71
C LEU A 191 -18.01 13.28 -41.63
N ASP A 192 -16.75 13.41 -42.06
CA ASP A 192 -16.13 12.44 -42.95
C ASP A 192 -15.50 11.28 -42.17
N ARG A 193 -16.19 10.14 -42.13
CA ARG A 193 -15.69 9.00 -41.39
C ARG A 193 -14.21 8.67 -41.66
N ASN A 194 -13.68 9.12 -42.78
CA ASN A 194 -12.28 8.85 -43.10
C ASN A 194 -11.37 9.63 -42.15
N LYS A 195 -11.86 10.79 -41.72
CA LYS A 195 -11.07 11.62 -40.82
C LYS A 195 -11.58 11.61 -39.37
N ALA A 196 -12.33 10.56 -39.03
CA ALA A 196 -12.84 10.42 -37.68
C ALA A 196 -12.02 9.33 -37.00
N VAL A 197 -11.84 9.44 -35.68
CA VAL A 197 -11.07 8.44 -34.96
C VAL A 197 -11.74 7.96 -33.68
N ILE A 198 -11.73 6.65 -33.49
CA ILE A 198 -12.29 6.02 -32.29
C ILE A 198 -11.21 5.83 -31.23
N MET A 199 -11.35 6.54 -30.11
CA MET A 199 -10.38 6.44 -29.04
C MET A 199 -11.14 6.32 -27.73
N PRO A 200 -11.35 5.08 -27.26
CA PRO A 200 -12.07 4.89 -26.00
C PRO A 200 -11.35 5.65 -24.90
N PRO A 201 -12.07 6.04 -23.84
CA PRO A 201 -11.31 6.76 -22.82
C PRO A 201 -10.46 5.76 -22.03
N SER A 202 -9.79 6.21 -20.98
CA SER A 202 -8.98 5.26 -20.21
C SER A 202 -8.97 5.60 -18.73
N ILE A 203 -8.52 4.67 -17.92
CA ILE A 203 -8.42 4.86 -16.49
C ILE A 203 -6.93 4.92 -16.14
N ASP A 204 -6.60 5.73 -15.13
CA ASP A 204 -5.22 5.85 -14.71
C ASP A 204 -5.01 5.01 -13.45
N PRO A 205 -4.25 3.92 -13.58
CA PRO A 205 -3.95 2.98 -12.48
C PRO A 205 -3.40 3.60 -11.20
N LEU A 206 -2.82 4.80 -11.28
CA LEU A 206 -2.24 5.39 -10.10
C LEU A 206 -3.00 6.57 -9.51
N SER A 207 -4.26 6.74 -9.90
CA SER A 207 -5.06 7.83 -9.38
C SER A 207 -5.85 7.37 -8.15
N GLU A 208 -6.37 8.34 -7.39
CA GLU A 208 -7.13 8.05 -6.17
C GLU A 208 -8.15 6.95 -6.41
N LYS A 209 -8.86 7.04 -7.52
CA LYS A 209 -9.89 6.08 -7.89
C LYS A 209 -9.44 4.66 -8.20
N ASN A 210 -8.22 4.55 -8.74
CA ASN A 210 -7.71 3.24 -9.15
C ASN A 210 -6.47 2.71 -8.46
N VAL A 211 -5.85 3.50 -7.59
CA VAL A 211 -4.64 3.05 -6.92
C VAL A 211 -4.99 1.96 -5.91
N GLU A 212 -4.03 1.07 -5.66
CA GLU A 212 -4.28 0.00 -4.70
C GLU A 212 -4.13 0.46 -3.27
N LEU A 213 -5.24 0.44 -2.54
CA LEU A 213 -5.25 0.81 -1.15
C LEU A 213 -4.72 -0.34 -0.30
N LYS A 214 -4.39 -0.03 0.95
CA LYS A 214 -3.91 -1.05 1.86
C LYS A 214 -5.10 -1.55 2.67
N GLN A 215 -5.18 -2.86 2.82
CA GLN A 215 -6.26 -3.51 3.56
C GLN A 215 -6.81 -2.71 4.73
N THR A 216 -5.93 -2.16 5.57
CA THR A 216 -6.36 -1.40 6.73
C THR A 216 -7.22 -0.21 6.38
N GLU A 217 -6.91 0.47 5.28
CA GLU A 217 -7.70 1.64 4.89
C GLU A 217 -9.05 1.20 4.33
N ILE A 218 -9.03 0.13 3.55
CA ILE A 218 -10.26 -0.39 2.98
C ILE A 218 -11.20 -0.69 4.14
N LEU A 219 -10.68 -1.33 5.18
CA LEU A 219 -11.49 -1.66 6.34
C LEU A 219 -11.91 -0.45 7.14
N ARG A 220 -11.10 0.61 7.12
CA ARG A 220 -11.50 1.81 7.85
C ARG A 220 -12.72 2.37 7.13
N ILE A 221 -12.62 2.45 5.81
CA ILE A 221 -13.71 2.98 5.00
C ILE A 221 -14.92 2.08 5.07
N LEU A 222 -14.70 0.77 5.12
CA LEU A 222 -15.82 -0.13 5.19
C LEU A 222 -16.55 0.08 6.51
N GLU A 223 -15.77 0.22 7.59
CA GLU A 223 -16.33 0.42 8.92
C GLU A 223 -16.97 1.79 9.07
N ARG A 224 -16.42 2.79 8.39
CA ARG A 224 -16.95 4.13 8.48
C ARG A 224 -18.38 4.21 7.90
N PHE A 225 -18.64 3.49 6.82
CA PHE A 225 -19.97 3.55 6.22
C PHE A 225 -20.81 2.32 6.54
N ASP A 226 -20.46 1.66 7.64
CA ASP A 226 -21.18 0.49 8.13
C ASP A 226 -21.39 -0.62 7.11
N VAL A 227 -20.30 -1.06 6.47
CA VAL A 227 -20.36 -2.12 5.46
C VAL A 227 -19.60 -3.33 5.97
N ASP A 228 -20.26 -4.48 6.04
CA ASP A 228 -19.60 -5.68 6.53
C ASP A 228 -18.80 -6.45 5.47
N PRO A 229 -17.46 -6.43 5.60
CA PRO A 229 -16.55 -7.11 4.68
C PRO A 229 -16.56 -8.60 4.87
N GLU A 230 -17.27 -9.03 5.91
CA GLU A 230 -17.37 -10.45 6.23
C GLU A 230 -18.60 -11.08 5.59
N LYS A 231 -19.42 -10.26 4.93
CA LYS A 231 -20.61 -10.76 4.26
C LYS A 231 -20.54 -10.44 2.77
N PRO A 232 -21.32 -11.17 1.95
CA PRO A 232 -21.27 -10.88 0.52
C PRO A 232 -21.68 -9.44 0.16
N ILE A 233 -21.12 -8.93 -0.93
CA ILE A 233 -21.38 -7.57 -1.39
C ILE A 233 -21.52 -7.43 -2.91
N ILE A 234 -22.63 -6.83 -3.35
CA ILE A 234 -22.83 -6.56 -4.77
C ILE A 234 -22.85 -5.04 -4.84
N THR A 235 -22.35 -4.48 -5.93
CA THR A 235 -22.21 -3.03 -6.03
C THR A 235 -22.39 -2.40 -7.41
N GLN A 236 -23.13 -1.31 -7.45
CA GLN A 236 -23.27 -0.57 -8.68
C GLN A 236 -22.87 0.88 -8.41
N VAL A 237 -21.78 1.28 -9.03
CA VAL A 237 -21.28 2.64 -8.92
C VAL A 237 -21.86 3.34 -10.11
N SER A 238 -22.51 4.47 -9.90
CA SER A 238 -23.07 5.22 -11.01
C SER A 238 -23.87 6.42 -10.57
N ARG A 239 -24.01 7.36 -11.50
CA ARG A 239 -24.75 8.57 -11.25
C ARG A 239 -26.19 8.12 -10.99
N PHE A 240 -26.93 8.92 -10.22
CA PHE A 240 -28.32 8.60 -9.90
C PHE A 240 -29.28 9.21 -10.91
N ASP A 241 -29.71 8.42 -11.87
CA ASP A 241 -30.66 8.88 -12.87
C ASP A 241 -31.51 7.70 -13.34
N PRO A 242 -32.74 7.97 -13.76
CA PRO A 242 -33.76 7.03 -14.25
C PRO A 242 -33.32 5.90 -15.18
N TRP A 243 -32.18 6.07 -15.84
CA TRP A 243 -31.72 5.07 -16.80
C TRP A 243 -30.41 4.35 -16.52
N LYS A 244 -30.08 4.19 -15.25
CA LYS A 244 -28.86 3.50 -14.90
C LYS A 244 -29.20 2.14 -14.28
N GLY A 245 -30.44 1.69 -14.45
CA GLY A 245 -30.85 0.43 -13.88
C GLY A 245 -30.83 0.32 -12.35
N ILE A 246 -30.74 1.46 -11.67
CA ILE A 246 -30.70 1.46 -10.21
C ILE A 246 -31.85 0.72 -9.52
N PHE A 247 -33.05 0.86 -10.03
CA PHE A 247 -34.16 0.15 -9.42
C PHE A 247 -34.12 -1.34 -9.73
N ASP A 248 -33.54 -1.70 -10.87
CA ASP A 248 -33.45 -3.10 -11.25
C ASP A 248 -32.45 -3.77 -10.32
N VAL A 249 -31.37 -3.05 -10.03
CA VAL A 249 -30.32 -3.52 -9.14
C VAL A 249 -30.94 -3.80 -7.78
N ILE A 250 -31.79 -2.90 -7.33
CA ILE A 250 -32.47 -3.08 -6.05
C ILE A 250 -33.35 -4.32 -6.13
N GLU A 251 -33.93 -4.60 -7.28
CA GLU A 251 -34.74 -5.79 -7.39
C GLU A 251 -33.84 -7.00 -7.39
N ILE A 252 -32.71 -6.90 -8.09
CA ILE A 252 -31.80 -8.03 -8.19
C ILE A 252 -31.28 -8.38 -6.81
N TYR A 253 -30.87 -7.36 -6.08
CA TYR A 253 -30.37 -7.54 -4.73
C TYR A 253 -31.44 -8.23 -3.88
N ARG A 254 -32.68 -7.81 -3.99
CA ARG A 254 -33.72 -8.45 -3.20
C ARG A 254 -33.92 -9.94 -3.51
N LYS A 255 -33.98 -10.30 -4.79
CA LYS A 255 -34.16 -11.69 -5.21
C LYS A 255 -33.00 -12.53 -4.78
N VAL A 256 -31.79 -11.98 -4.88
CA VAL A 256 -30.59 -12.72 -4.49
C VAL A 256 -30.63 -12.95 -2.98
N LYS A 257 -31.14 -11.93 -2.28
CA LYS A 257 -31.20 -11.94 -0.82
C LYS A 257 -32.13 -13.02 -0.28
N GLU A 258 -32.92 -13.62 -1.16
CA GLU A 258 -33.81 -14.66 -0.70
C GLU A 258 -33.00 -15.92 -0.40
N LYS A 259 -32.03 -16.19 -1.27
CA LYS A 259 -31.16 -17.35 -1.14
C LYS A 259 -29.88 -17.04 -0.38
N ILE A 260 -29.51 -15.76 -0.32
CA ILE A 260 -28.30 -15.34 0.38
C ILE A 260 -28.62 -14.13 1.29
N PRO A 261 -29.38 -14.38 2.35
CA PRO A 261 -29.82 -13.40 3.35
C PRO A 261 -28.79 -12.45 3.93
N GLY A 262 -27.52 -12.70 3.64
CA GLY A 262 -26.50 -11.83 4.20
C GLY A 262 -25.97 -10.81 3.20
N VAL A 263 -26.33 -10.98 1.94
CA VAL A 263 -25.86 -10.07 0.90
C VAL A 263 -26.20 -8.62 1.19
N GLN A 264 -25.28 -7.73 0.82
CA GLN A 264 -25.47 -6.30 1.01
C GLN A 264 -25.36 -5.68 -0.37
N LEU A 265 -26.11 -4.62 -0.60
CA LEU A 265 -26.08 -3.92 -1.87
C LEU A 265 -25.47 -2.53 -1.69
N LEU A 266 -24.46 -2.21 -2.51
CA LEU A 266 -23.85 -0.89 -2.42
C LEU A 266 -24.22 -0.05 -3.64
N LEU A 267 -24.94 1.04 -3.38
CA LEU A 267 -25.33 1.99 -4.42
C LEU A 267 -24.42 3.18 -4.16
N VAL A 268 -23.37 3.26 -4.96
CA VAL A 268 -22.35 4.28 -4.85
C VAL A 268 -22.50 5.33 -5.92
N GLY A 269 -22.25 6.58 -5.57
CA GLY A 269 -22.37 7.62 -6.59
C GLY A 269 -22.07 9.05 -6.19
N VAL A 270 -21.14 9.69 -6.89
CA VAL A 270 -20.80 11.08 -6.61
C VAL A 270 -21.44 11.98 -7.65
N MET A 271 -22.27 12.91 -7.18
CA MET A 271 -22.95 13.82 -8.07
C MET A 271 -22.79 15.27 -7.63
N ALA A 272 -22.63 16.17 -8.61
CA ALA A 272 -22.45 17.59 -8.33
C ALA A 272 -23.72 18.18 -7.70
N HIS A 273 -23.50 19.21 -6.87
CA HIS A 273 -24.58 19.88 -6.16
C HIS A 273 -25.53 20.67 -7.04
N ASP A 274 -25.16 20.88 -8.29
CA ASP A 274 -26.00 21.63 -9.22
C ASP A 274 -26.65 20.64 -10.18
N ASP A 275 -27.16 19.54 -9.62
CA ASP A 275 -27.79 18.50 -10.42
C ASP A 275 -29.05 18.00 -9.71
N PRO A 276 -30.07 18.88 -9.57
CA PRO A 276 -31.32 18.49 -8.91
C PRO A 276 -31.89 17.20 -9.46
N GLU A 277 -31.74 17.03 -10.77
CA GLU A 277 -32.22 15.83 -11.45
C GLU A 277 -31.71 14.61 -10.72
N GLY A 278 -30.38 14.54 -10.58
CA GLY A 278 -29.76 13.43 -9.90
C GLY A 278 -30.18 13.28 -8.44
N TRP A 279 -30.29 14.40 -7.74
CA TRP A 279 -30.68 14.35 -6.35
C TRP A 279 -32.13 13.95 -6.13
N ILE A 280 -33.02 14.23 -7.09
CA ILE A 280 -34.40 13.80 -6.94
C ILE A 280 -34.47 12.29 -7.16
N TYR A 281 -33.63 11.78 -8.05
CA TYR A 281 -33.65 10.34 -8.26
C TYR A 281 -33.02 9.67 -7.04
N PHE A 282 -32.18 10.43 -6.35
CA PHE A 282 -31.49 9.99 -5.14
C PHE A 282 -32.52 9.79 -4.02
N GLU A 283 -33.34 10.81 -3.79
CA GLU A 283 -34.35 10.72 -2.76
C GLU A 283 -35.29 9.56 -3.11
N LYS A 284 -35.67 9.47 -4.38
CA LYS A 284 -36.55 8.41 -4.86
C LYS A 284 -36.00 7.02 -4.52
N THR A 285 -34.70 6.83 -4.71
CA THR A 285 -34.05 5.56 -4.45
C THR A 285 -34.21 5.20 -2.99
N LEU A 286 -33.80 6.11 -2.11
CA LEU A 286 -33.90 5.87 -0.69
C LEU A 286 -35.31 5.54 -0.25
N ARG A 287 -36.29 6.20 -0.82
CA ARG A 287 -37.68 5.95 -0.46
C ARG A 287 -38.09 4.55 -0.90
N LYS A 288 -37.53 4.08 -2.00
CA LYS A 288 -37.86 2.74 -2.48
C LYS A 288 -37.11 1.70 -1.67
N ILE A 289 -35.89 2.03 -1.27
CA ILE A 289 -35.10 1.11 -0.49
C ILE A 289 -35.76 0.93 0.86
N GLY A 290 -36.40 1.98 1.34
CA GLY A 290 -37.05 1.91 2.64
C GLY A 290 -36.00 1.70 3.74
N GLU A 291 -36.43 1.18 4.88
CA GLU A 291 -35.51 0.98 5.99
C GLU A 291 -34.69 -0.29 5.98
N ASP A 292 -34.18 -0.68 4.82
CA ASP A 292 -33.35 -1.89 4.70
C ASP A 292 -31.89 -1.45 4.69
N TYR A 293 -31.28 -1.36 5.86
CA TYR A 293 -29.89 -0.90 5.91
C TYR A 293 -28.83 -1.91 5.49
N ASP A 294 -29.23 -2.91 4.72
CA ASP A 294 -28.29 -3.89 4.21
C ASP A 294 -27.92 -3.35 2.84
N VAL A 295 -28.66 -2.31 2.47
CA VAL A 295 -28.45 -1.60 1.24
C VAL A 295 -27.78 -0.32 1.70
N LYS A 296 -26.61 -0.03 1.12
CA LYS A 296 -25.87 1.19 1.47
C LYS A 296 -25.92 2.14 0.29
N VAL A 297 -26.36 3.36 0.55
CA VAL A 297 -26.46 4.40 -0.47
C VAL A 297 -25.32 5.30 -0.10
N LEU A 298 -24.25 5.26 -0.90
CA LEU A 298 -23.06 6.03 -0.66
C LEU A 298 -22.79 7.08 -1.70
N THR A 299 -22.74 8.33 -1.26
CA THR A 299 -22.49 9.45 -2.15
C THR A 299 -21.65 10.49 -1.43
N ASN A 300 -21.21 11.50 -2.17
CA ASN A 300 -20.36 12.57 -1.63
C ASN A 300 -21.06 13.47 -0.60
N LEU A 301 -22.39 13.39 -0.54
CA LEU A 301 -23.18 14.17 0.40
C LEU A 301 -22.82 13.70 1.81
N ILE A 302 -22.55 12.40 1.92
CA ILE A 302 -22.19 11.76 3.17
C ILE A 302 -20.65 11.60 3.26
N GLY A 303 -19.96 12.25 2.34
CA GLY A 303 -18.51 12.19 2.34
C GLY A 303 -17.82 11.09 1.54
N VAL A 304 -18.50 10.56 0.54
CA VAL A 304 -17.89 9.52 -0.28
C VAL A 304 -17.20 10.19 -1.47
N HIS A 305 -15.93 9.85 -1.67
CA HIS A 305 -15.18 10.40 -2.78
C HIS A 305 -14.36 9.33 -3.46
N ALA A 306 -13.53 9.73 -4.40
CA ALA A 306 -12.71 8.80 -5.16
C ALA A 306 -12.07 7.68 -4.35
N ARG A 307 -11.36 8.05 -3.29
CA ARG A 307 -10.69 7.03 -2.49
C ARG A 307 -11.65 6.06 -1.83
N GLU A 308 -12.82 6.54 -1.42
CA GLU A 308 -13.83 5.67 -0.79
C GLU A 308 -14.51 4.82 -1.87
N VAL A 309 -14.71 5.39 -3.05
CA VAL A 309 -15.31 4.66 -4.16
C VAL A 309 -14.36 3.51 -4.48
N ASN A 310 -13.06 3.82 -4.45
CA ASN A 310 -12.01 2.84 -4.71
C ASN A 310 -12.22 1.64 -3.77
N ALA A 311 -12.45 1.96 -2.51
CA ALA A 311 -12.66 0.97 -1.45
C ALA A 311 -13.90 0.10 -1.70
N PHE A 312 -15.02 0.74 -1.93
CA PHE A 312 -16.28 0.06 -2.17
C PHE A 312 -16.15 -0.92 -3.33
N GLN A 313 -15.44 -0.51 -4.36
CA GLN A 313 -15.25 -1.37 -5.51
C GLN A 313 -14.40 -2.59 -5.14
N ARG A 314 -13.24 -2.35 -4.53
CA ARG A 314 -12.34 -3.43 -4.13
C ARG A 314 -12.97 -4.45 -3.17
N ALA A 315 -13.74 -3.95 -2.21
CA ALA A 315 -14.39 -4.79 -1.23
C ALA A 315 -15.57 -5.60 -1.81
N SER A 316 -15.97 -5.30 -3.05
CA SER A 316 -17.08 -5.97 -3.70
C SER A 316 -16.80 -7.36 -4.25
N ASP A 317 -17.81 -8.23 -4.18
CA ASP A 317 -17.72 -9.60 -4.66
C ASP A 317 -18.16 -9.66 -6.11
N VAL A 318 -19.17 -8.85 -6.45
CA VAL A 318 -19.71 -8.77 -7.81
C VAL A 318 -20.09 -7.31 -8.08
N ILE A 319 -19.80 -6.81 -9.27
CA ILE A 319 -20.14 -5.43 -9.58
C ILE A 319 -21.18 -5.40 -10.71
N LEU A 320 -22.14 -4.49 -10.60
CA LEU A 320 -23.18 -4.39 -11.61
C LEU A 320 -23.20 -3.08 -12.38
N GLN A 321 -23.79 -3.10 -13.56
CA GLN A 321 -23.92 -1.90 -14.37
C GLN A 321 -25.07 -2.15 -15.31
N MET A 322 -26.27 -2.01 -14.77
CA MET A 322 -27.51 -2.24 -15.50
C MET A 322 -28.06 -0.97 -16.14
N SER A 323 -27.19 -0.23 -16.82
CA SER A 323 -27.60 0.97 -17.49
C SER A 323 -28.47 0.61 -18.69
N ILE A 324 -29.48 1.45 -18.93
CA ILE A 324 -30.42 1.27 -20.01
C ILE A 324 -29.89 2.06 -21.21
N ARG A 325 -29.19 3.13 -20.88
CA ARG A 325 -28.57 4.03 -21.85
C ARG A 325 -27.25 4.47 -21.19
N ALA A 326 -26.14 4.24 -21.85
CA ALA A 326 -24.85 4.61 -21.28
C ALA A 326 -23.79 5.09 -22.25
N GLY A 327 -22.85 5.88 -21.73
CA GLY A 327 -21.77 6.35 -22.56
C GLY A 327 -20.77 5.21 -22.61
N PHE A 328 -19.49 5.52 -22.34
CA PHE A 328 -18.46 4.50 -22.40
C PHE A 328 -18.48 3.58 -21.21
N GLY A 329 -18.80 4.14 -20.04
CA GLY A 329 -18.86 3.36 -18.81
C GLY A 329 -17.53 3.10 -18.13
N LEU A 330 -16.80 4.16 -17.76
CA LEU A 330 -15.53 4.00 -17.07
C LEU A 330 -15.69 3.23 -15.77
N THR A 331 -16.87 3.33 -15.14
CA THR A 331 -17.10 2.58 -13.91
C THR A 331 -16.89 1.10 -14.15
N VAL A 332 -17.26 0.62 -15.34
CA VAL A 332 -17.07 -0.77 -15.67
C VAL A 332 -15.58 -1.04 -15.79
N THR A 333 -14.86 -0.06 -16.32
CA THR A 333 -13.43 -0.19 -16.53
C THR A 333 -12.70 -0.26 -15.18
N GLU A 334 -13.11 0.58 -14.23
CA GLU A 334 -12.48 0.57 -12.94
C GLU A 334 -12.63 -0.81 -12.31
N ALA A 335 -13.86 -1.31 -12.27
CA ALA A 335 -14.12 -2.63 -11.70
C ALA A 335 -13.23 -3.66 -12.37
N MET A 336 -13.26 -3.72 -13.69
CA MET A 336 -12.44 -4.67 -14.43
C MET A 336 -10.99 -4.59 -14.01
N TRP A 337 -10.53 -3.37 -13.75
CA TRP A 337 -9.16 -3.16 -13.30
C TRP A 337 -8.93 -3.74 -11.91
N LYS A 338 -9.92 -3.62 -11.03
CA LYS A 338 -9.78 -4.14 -9.68
C LYS A 338 -10.04 -5.65 -9.60
N GLY A 339 -10.02 -6.31 -10.75
CA GLY A 339 -10.20 -7.75 -10.80
C GLY A 339 -11.57 -8.24 -10.42
N LYS A 340 -12.58 -7.40 -10.62
CA LYS A 340 -13.94 -7.78 -10.28
C LYS A 340 -14.77 -8.12 -11.51
N PRO A 341 -15.60 -9.16 -11.42
CA PRO A 341 -16.43 -9.53 -12.57
C PRO A 341 -17.68 -8.65 -12.62
N VAL A 342 -17.90 -8.00 -13.75
CA VAL A 342 -19.06 -7.14 -13.93
C VAL A 342 -20.24 -7.85 -14.62
N ILE A 343 -21.46 -7.46 -14.25
CA ILE A 343 -22.67 -8.00 -14.85
C ILE A 343 -23.40 -6.77 -15.30
N GLY A 344 -23.69 -6.66 -16.59
CA GLY A 344 -24.37 -5.45 -17.05
C GLY A 344 -25.04 -5.54 -18.39
N ARG A 345 -25.86 -4.54 -18.71
CA ARG A 345 -26.59 -4.50 -19.98
C ARG A 345 -25.69 -4.16 -21.16
N ALA A 346 -25.99 -4.75 -22.31
CA ALA A 346 -25.23 -4.51 -23.53
C ALA A 346 -25.57 -3.13 -24.07
N VAL A 347 -24.95 -2.11 -23.51
CA VAL A 347 -25.20 -0.74 -23.93
C VAL A 347 -23.89 0.04 -24.04
N GLY A 348 -23.92 1.13 -24.81
CA GLY A 348 -22.75 1.97 -24.98
C GLY A 348 -21.43 1.24 -24.83
N GLY A 349 -20.54 1.77 -24.00
CA GLY A 349 -19.26 1.15 -23.80
C GLY A 349 -19.26 -0.11 -22.95
N ILE A 350 -20.39 -0.49 -22.39
CA ILE A 350 -20.44 -1.67 -21.55
C ILE A 350 -20.42 -2.97 -22.34
N LYS A 351 -20.90 -2.91 -23.58
CA LYS A 351 -20.91 -4.09 -24.44
C LYS A 351 -19.52 -4.25 -25.05
N PHE A 352 -18.85 -3.11 -25.24
CA PHE A 352 -17.51 -3.10 -25.80
C PHE A 352 -16.46 -3.60 -24.80
N GLN A 353 -16.65 -3.30 -23.51
CA GLN A 353 -15.67 -3.71 -22.51
C GLN A 353 -15.85 -5.10 -21.98
N ILE A 354 -17.10 -5.51 -21.79
CA ILE A 354 -17.35 -6.83 -21.25
C ILE A 354 -17.29 -7.88 -22.33
N VAL A 355 -16.46 -8.88 -22.11
CA VAL A 355 -16.34 -9.97 -23.04
C VAL A 355 -17.20 -11.02 -22.34
N ASP A 356 -18.44 -11.11 -22.79
CA ASP A 356 -19.39 -12.04 -22.19
C ASP A 356 -18.93 -13.47 -21.98
N GLY A 357 -19.04 -13.93 -20.75
CA GLY A 357 -18.64 -15.28 -20.43
C GLY A 357 -17.16 -15.42 -20.12
N GLU A 358 -16.41 -14.36 -20.37
CA GLU A 358 -14.99 -14.39 -20.11
C GLU A 358 -14.54 -13.46 -19.02
N THR A 359 -14.95 -12.20 -19.09
CA THR A 359 -14.54 -11.19 -18.12
C THR A 359 -15.70 -10.74 -17.25
N GLY A 360 -16.89 -11.18 -17.64
CA GLY A 360 -18.09 -10.81 -16.93
C GLY A 360 -19.25 -11.25 -17.77
N PHE A 361 -20.44 -10.75 -17.46
CA PHE A 361 -21.60 -11.12 -18.22
C PHE A 361 -22.47 -9.98 -18.67
N LEU A 362 -22.97 -10.11 -19.89
CA LEU A 362 -23.89 -9.16 -20.51
C LEU A 362 -25.27 -9.80 -20.41
N VAL A 363 -26.17 -9.14 -19.70
CA VAL A 363 -27.51 -9.68 -19.52
C VAL A 363 -28.56 -8.77 -20.18
N ARG A 364 -29.74 -9.33 -20.42
CA ARG A 364 -30.80 -8.56 -21.05
C ARG A 364 -31.81 -8.02 -20.04
N ASP A 365 -31.96 -8.70 -18.92
CA ASP A 365 -32.89 -8.26 -17.90
C ASP A 365 -32.32 -8.46 -16.49
N ALA A 366 -33.17 -8.24 -15.50
CA ALA A 366 -32.84 -8.37 -14.09
C ALA A 366 -32.76 -9.82 -13.63
N ASN A 367 -33.70 -10.66 -14.05
CA ASN A 367 -33.66 -12.05 -13.64
C ASN A 367 -32.41 -12.78 -14.17
N GLU A 368 -31.98 -12.43 -15.38
CA GLU A 368 -30.78 -13.03 -15.96
C GLU A 368 -29.59 -12.55 -15.13
N ALA A 369 -29.68 -11.33 -14.62
CA ALA A 369 -28.63 -10.76 -13.79
C ALA A 369 -28.61 -11.46 -12.45
N VAL A 370 -29.78 -11.85 -11.98
CA VAL A 370 -29.87 -12.55 -10.71
C VAL A 370 -29.18 -13.91 -10.79
N GLU A 371 -29.40 -14.60 -11.91
CA GLU A 371 -28.83 -15.91 -12.13
C GLU A 371 -27.33 -15.84 -11.98
N VAL A 372 -26.75 -14.94 -12.75
CA VAL A 372 -25.31 -14.76 -12.77
C VAL A 372 -24.73 -14.24 -11.47
N VAL A 373 -25.48 -13.44 -10.71
CA VAL A 373 -24.92 -12.94 -9.46
C VAL A 373 -24.76 -14.10 -8.49
N LEU A 374 -25.68 -15.07 -8.59
CA LEU A 374 -25.66 -16.25 -7.74
C LEU A 374 -24.58 -17.20 -8.25
N TYR A 375 -24.50 -17.37 -9.57
CA TYR A 375 -23.48 -18.25 -10.13
C TYR A 375 -22.15 -17.79 -9.53
N LEU A 376 -21.71 -16.61 -9.94
CA LEU A 376 -20.48 -16.02 -9.44
C LEU A 376 -20.33 -16.11 -7.91
N LEU A 377 -21.32 -15.65 -7.17
CA LEU A 377 -21.23 -15.72 -5.72
C LEU A 377 -21.05 -17.17 -5.25
N LYS A 378 -21.60 -18.10 -6.01
CA LYS A 378 -21.50 -19.49 -5.64
C LYS A 378 -20.15 -20.07 -6.01
N HIS A 379 -19.59 -19.61 -7.12
CA HIS A 379 -18.30 -20.11 -7.61
C HIS A 379 -17.19 -19.06 -7.59
N PRO A 380 -16.73 -18.69 -6.40
CA PRO A 380 -15.67 -17.69 -6.26
C PRO A 380 -14.44 -17.86 -7.17
N GLU A 381 -14.02 -19.09 -7.44
CA GLU A 381 -12.86 -19.32 -8.30
C GLU A 381 -13.13 -18.90 -9.74
N VAL A 382 -14.37 -19.12 -10.20
CA VAL A 382 -14.76 -18.73 -11.54
C VAL A 382 -14.69 -17.23 -11.54
N SER A 383 -15.33 -16.63 -10.55
CA SER A 383 -15.33 -15.19 -10.40
C SER A 383 -13.88 -14.68 -10.42
N LYS A 384 -13.01 -15.33 -9.66
CA LYS A 384 -11.61 -14.93 -9.60
C LYS A 384 -11.00 -14.92 -10.99
N GLU A 385 -11.34 -15.95 -11.77
CA GLU A 385 -10.83 -16.05 -13.13
C GLU A 385 -11.33 -14.92 -14.01
N MET A 386 -12.64 -14.78 -14.11
CA MET A 386 -13.22 -13.72 -14.93
C MET A 386 -12.59 -12.39 -14.53
N GLY A 387 -12.34 -12.24 -13.23
CA GLY A 387 -11.75 -11.02 -12.73
C GLY A 387 -10.35 -10.82 -13.27
N ALA A 388 -9.53 -11.87 -13.19
CA ALA A 388 -8.16 -11.80 -13.67
C ALA A 388 -8.09 -11.43 -15.15
N LYS A 389 -8.98 -12.01 -15.94
CA LYS A 389 -9.03 -11.71 -17.36
C LYS A 389 -9.52 -10.29 -17.60
N ALA A 390 -10.49 -9.86 -16.81
CA ALA A 390 -11.01 -8.51 -16.95
C ALA A 390 -9.89 -7.53 -16.67
N LYS A 391 -9.04 -7.87 -15.70
CA LYS A 391 -7.94 -6.99 -15.36
C LYS A 391 -6.98 -6.91 -16.52
N GLU A 392 -6.66 -8.04 -17.13
CA GLU A 392 -5.74 -8.02 -18.26
C GLU A 392 -6.27 -7.21 -19.43
N ARG A 393 -7.54 -7.43 -19.76
CA ARG A 393 -8.15 -6.71 -20.87
C ARG A 393 -7.91 -5.22 -20.71
N VAL A 394 -8.01 -4.73 -19.48
CA VAL A 394 -7.80 -3.32 -19.24
C VAL A 394 -6.33 -2.94 -19.38
N ARG A 395 -5.47 -3.74 -18.77
CA ARG A 395 -4.05 -3.49 -18.84
C ARG A 395 -3.66 -3.37 -20.30
N LYS A 396 -4.22 -4.21 -21.15
CA LYS A 396 -3.86 -4.18 -22.56
C LYS A 396 -4.69 -3.25 -23.43
N ASN A 397 -5.81 -2.74 -22.91
CA ASN A 397 -6.64 -1.90 -23.76
C ASN A 397 -7.08 -0.54 -23.26
N PHE A 398 -7.36 -0.41 -21.96
CA PHE A 398 -7.88 0.85 -21.46
C PHE A 398 -7.11 1.55 -20.35
N ILE A 399 -5.79 1.42 -20.38
CA ILE A 399 -4.92 2.06 -19.40
C ILE A 399 -4.49 3.39 -20.01
N ILE A 400 -4.14 4.36 -19.17
CA ILE A 400 -3.71 5.66 -19.67
C ILE A 400 -2.45 5.61 -20.55
N THR A 401 -1.63 4.57 -20.40
CA THR A 401 -0.43 4.48 -21.24
C THR A 401 -0.83 4.00 -22.62
N LYS A 402 -1.84 3.12 -22.69
CA LYS A 402 -2.33 2.59 -23.96
C LYS A 402 -3.09 3.72 -24.63
N HIS A 403 -3.54 4.67 -23.80
CA HIS A 403 -4.27 5.83 -24.29
C HIS A 403 -3.29 6.69 -25.06
N MET A 404 -2.20 7.06 -24.38
CA MET A 404 -1.13 7.85 -24.96
C MET A 404 -0.62 7.19 -26.24
N GLU A 405 -0.24 5.93 -26.15
CA GLU A 405 0.23 5.21 -27.32
C GLU A 405 -0.74 5.42 -28.50
N ARG A 406 -2.03 5.39 -28.22
CA ARG A 406 -3.03 5.59 -29.26
C ARG A 406 -2.89 6.96 -29.88
N TYR A 407 -2.61 7.95 -29.06
CA TYR A 407 -2.45 9.29 -29.57
C TYR A 407 -1.24 9.30 -30.50
N LEU A 408 -0.14 8.71 -30.02
CA LEU A 408 1.06 8.65 -30.84
C LEU A 408 0.67 8.07 -32.20
N ASP A 409 0.08 6.89 -32.20
CA ASP A 409 -0.35 6.26 -33.46
C ASP A 409 -1.00 7.28 -34.39
N ILE A 410 -1.70 8.23 -33.81
CA ILE A 410 -2.42 9.26 -34.55
C ILE A 410 -1.52 10.37 -35.10
N LEU A 411 -0.47 10.70 -34.37
CA LEU A 411 0.45 11.74 -34.81
C LEU A 411 1.46 11.18 -35.81
N ASN A 412 1.45 9.85 -35.98
CA ASN A 412 2.32 9.19 -36.92
C ASN A 412 1.50 8.80 -38.14
N SER A 413 0.38 9.48 -38.32
CA SER A 413 -0.49 9.20 -39.44
C SER A 413 -1.06 10.48 -40.04
N LEU A 414 -0.33 11.58 -39.91
CA LEU A 414 -0.78 12.85 -40.44
C LEU A 414 0.11 13.34 -41.59
N GLY A 415 1.31 13.63 -41.34
N MET B 3 37.64 2.35 13.10
CA MET B 3 36.31 2.85 13.58
C MET B 3 35.83 3.97 12.66
N TYR B 4 34.91 3.64 11.75
CA TYR B 4 34.37 4.62 10.81
C TYR B 4 32.94 5.03 11.16
N GLU B 5 32.59 6.26 10.82
CA GLU B 5 31.26 6.80 11.10
C GLU B 5 30.26 6.62 9.95
N VAL B 6 29.14 5.97 10.25
CA VAL B 6 28.09 5.74 9.26
C VAL B 6 27.33 7.04 8.98
N LYS B 7 27.73 7.74 7.92
CA LYS B 7 27.08 9.00 7.54
C LYS B 7 25.83 8.72 6.70
N GLU B 8 25.90 7.64 5.94
CA GLU B 8 24.80 7.23 5.06
C GLU B 8 23.83 6.30 5.79
N PHE B 9 22.53 6.54 5.62
CA PHE B 9 21.51 5.71 6.27
C PHE B 9 20.54 5.09 5.27
N SER B 10 20.55 3.76 5.18
CA SER B 10 19.68 3.03 4.26
C SER B 10 18.20 3.36 4.45
N SER B 11 17.75 3.41 5.69
CA SER B 11 16.35 3.74 5.99
C SER B 11 16.21 5.25 5.81
N GLY B 12 16.50 5.72 4.60
CA GLY B 12 16.43 7.14 4.27
C GLY B 12 16.86 7.96 5.45
N LYS B 13 16.09 8.99 5.75
CA LYS B 13 16.39 9.85 6.89
C LYS B 13 15.16 9.85 7.80
N ARG B 14 14.72 8.65 8.21
CA ARG B 14 13.56 8.52 9.09
C ARG B 14 13.42 9.73 10.01
N LYS B 15 12.25 10.35 9.99
CA LYS B 15 11.99 11.52 10.82
C LYS B 15 10.84 11.21 11.75
N LEU B 16 10.83 11.82 12.94
CA LEU B 16 9.73 11.59 13.86
C LEU B 16 8.43 11.78 13.08
N GLU B 17 8.41 12.79 12.21
CA GLU B 17 7.25 13.11 11.39
C GLU B 17 6.73 11.92 10.57
N ASP B 18 7.64 11.08 10.09
CA ASP B 18 7.26 9.92 9.29
C ASP B 18 6.38 8.92 10.06
N TYR B 19 6.16 9.16 11.36
CA TYR B 19 5.34 8.28 12.17
C TYR B 19 4.18 9.05 12.80
N LYS B 20 3.99 10.30 12.39
CA LYS B 20 2.91 11.09 12.96
C LYS B 20 1.58 10.36 12.80
N SER B 21 1.37 9.82 11.61
CA SER B 21 0.14 9.09 11.29
C SER B 21 -0.04 7.87 12.17
N ILE B 22 1.07 7.28 12.61
CA ILE B 22 1.06 6.08 13.43
C ILE B 22 0.87 6.29 14.93
N ILE B 23 1.62 7.22 15.52
CA ILE B 23 1.53 7.46 16.96
C ILE B 23 0.69 8.64 17.42
N GLY B 24 0.20 9.47 16.50
CA GLY B 24 -0.60 10.61 16.91
C GLY B 24 0.28 11.79 17.28
N GLU B 25 -0.29 12.99 17.21
CA GLU B 25 0.44 14.21 17.52
C GLU B 25 0.74 14.45 18.99
N GLU B 26 -0.16 14.10 19.89
CA GLU B 26 0.11 14.32 21.30
C GLU B 26 1.45 13.64 21.63
N GLU B 27 1.58 12.40 21.16
CA GLU B 27 2.78 11.60 21.38
C GLU B 27 3.98 12.12 20.60
N VAL B 28 3.76 12.60 19.38
CA VAL B 28 4.87 13.13 18.58
C VAL B 28 5.45 14.31 19.35
N SER B 29 4.56 15.06 20.01
CA SER B 29 4.96 16.21 20.80
C SER B 29 5.69 15.74 22.05
N LYS B 30 5.00 14.92 22.84
CA LYS B 30 5.58 14.40 24.08
C LYS B 30 7.01 13.93 23.83
N ILE B 31 7.27 13.51 22.60
CA ILE B 31 8.60 13.05 22.23
C ILE B 31 9.47 14.28 22.09
N GLN B 32 9.13 15.13 21.11
CA GLN B 32 9.85 16.38 20.84
C GLN B 32 10.21 17.16 22.08
N GLU B 33 9.31 17.18 23.06
CA GLU B 33 9.54 17.89 24.31
C GLU B 33 10.74 17.29 25.03
N LYS B 34 10.65 16.01 25.37
CA LYS B 34 11.72 15.32 26.07
C LYS B 34 13.06 15.39 25.35
N ALA B 35 13.03 15.81 24.09
CA ALA B 35 14.24 15.91 23.28
C ALA B 35 14.79 17.33 23.22
N GLU B 36 14.04 18.29 23.78
CA GLU B 36 14.48 19.68 23.79
C GLU B 36 15.54 19.84 24.87
N LYS B 37 15.25 19.26 26.04
CA LYS B 37 16.15 19.33 27.18
C LYS B 37 17.51 18.72 26.83
N LEU B 38 17.56 18.01 25.70
CA LEU B 38 18.80 17.36 25.26
C LEU B 38 19.22 17.87 23.90
N LYS B 39 18.71 19.05 23.53
CA LYS B 39 19.02 19.65 22.24
C LYS B 39 20.50 20.03 22.09
N GLY B 40 21.08 19.66 20.94
CA GLY B 40 22.47 19.96 20.65
C GLY B 40 23.48 19.05 21.32
N ARG B 41 23.00 18.03 22.02
CA ARG B 41 23.88 17.11 22.71
C ARG B 41 24.51 16.08 21.77
N SER B 42 25.57 15.41 22.24
CA SER B 42 26.26 14.40 21.45
C SER B 42 25.80 13.03 21.94
N PHE B 43 25.23 12.23 21.04
CA PHE B 43 24.74 10.90 21.37
C PHE B 43 25.27 9.92 20.34
N VAL B 44 26.42 9.31 20.61
CA VAL B 44 27.03 8.37 19.68
C VAL B 44 26.78 6.91 19.98
N HIS B 45 26.67 6.12 18.92
CA HIS B 45 26.43 4.69 19.01
C HIS B 45 27.57 3.94 18.34
N VAL B 46 28.14 2.96 19.05
CA VAL B 46 29.23 2.17 18.49
C VAL B 46 28.86 0.70 18.44
N ASN B 47 29.20 0.01 17.35
CA ASN B 47 28.87 -1.41 17.24
C ASN B 47 29.77 -2.15 16.24
N SER B 48 29.43 -3.40 15.96
CA SER B 48 30.25 -4.22 15.05
C SER B 48 29.87 -4.37 13.58
N THR B 49 28.94 -3.55 13.10
CA THR B 49 28.54 -3.62 11.69
C THR B 49 27.28 -2.84 11.37
N SER B 50 27.20 -2.32 10.15
CA SER B 50 26.03 -1.56 9.73
C SER B 50 25.24 -2.38 8.73
N PHE B 51 25.68 -3.60 8.49
CA PHE B 51 25.01 -4.47 7.53
C PHE B 51 24.17 -5.57 8.19
N GLY B 52 24.76 -6.75 8.32
CA GLY B 52 24.05 -7.85 8.94
C GLY B 52 23.62 -7.60 10.36
N GLY B 53 22.41 -8.05 10.71
CA GLY B 53 21.91 -7.87 12.07
C GLY B 53 20.68 -7.00 12.22
N GLY B 54 20.02 -7.14 13.36
CA GLY B 54 18.84 -6.36 13.65
C GLY B 54 19.28 -5.06 14.27
N VAL B 55 20.24 -5.16 15.19
CA VAL B 55 20.79 -3.99 15.86
C VAL B 55 21.20 -2.97 14.81
N ALA B 56 21.82 -3.48 13.74
CA ALA B 56 22.25 -2.63 12.64
C ALA B 56 21.00 -1.99 12.02
N GLU B 57 20.03 -2.84 11.70
CA GLU B 57 18.79 -2.37 11.09
C GLU B 57 18.10 -1.35 11.96
N ILE B 58 18.17 -1.55 13.27
CA ILE B 58 17.54 -0.64 14.22
C ILE B 58 18.18 0.74 14.19
N LEU B 59 19.51 0.77 14.14
CA LEU B 59 20.27 2.03 14.10
C LEU B 59 19.96 2.87 12.85
N HIS B 60 19.96 2.22 11.68
CA HIS B 60 19.65 2.86 10.42
C HIS B 60 18.36 3.66 10.49
N SER B 61 17.51 3.31 11.44
CA SER B 61 16.26 4.02 11.62
C SER B 61 16.36 4.92 12.83
N LEU B 62 16.87 4.36 13.92
CA LEU B 62 17.01 5.07 15.18
C LEU B 62 17.87 6.32 15.17
N VAL B 63 19.02 6.28 14.51
CA VAL B 63 19.90 7.44 14.48
C VAL B 63 19.23 8.62 13.79
N PRO B 64 18.81 8.43 12.53
CA PRO B 64 18.13 9.49 11.78
C PRO B 64 17.07 10.14 12.66
N LEU B 65 16.28 9.32 13.33
CA LEU B 65 15.22 9.82 14.20
C LEU B 65 15.78 10.77 15.24
N LEU B 66 16.71 10.28 16.05
CA LEU B 66 17.32 11.09 17.08
C LEU B 66 17.82 12.41 16.48
N ARG B 67 18.42 12.30 15.30
CA ARG B 67 18.94 13.45 14.59
C ARG B 67 17.84 14.47 14.37
N SER B 68 16.79 14.06 13.65
CA SER B 68 15.65 14.94 13.36
C SER B 68 14.83 15.42 14.57
N ILE B 69 15.26 15.11 15.80
CA ILE B 69 14.51 15.58 16.95
C ILE B 69 15.30 16.55 17.81
N GLY B 70 16.47 16.96 17.33
CA GLY B 70 17.28 17.91 18.07
C GLY B 70 18.54 17.38 18.71
N ILE B 71 18.81 16.10 18.54
CA ILE B 71 20.00 15.47 19.12
C ILE B 71 21.04 15.08 18.07
N GLU B 72 22.25 15.60 18.23
CA GLU B 72 23.34 15.32 17.31
C GLU B 72 23.78 13.86 17.45
N ALA B 73 22.89 12.95 17.09
CA ALA B 73 23.18 11.52 17.16
C ALA B 73 24.16 11.13 16.06
N ARG B 74 25.11 10.27 16.39
CA ARG B 74 26.09 9.84 15.40
C ARG B 74 26.40 8.37 15.64
N TRP B 75 26.70 7.64 14.56
CA TRP B 75 26.97 6.21 14.67
C TRP B 75 28.29 5.76 14.07
N PHE B 76 29.12 5.12 14.90
CA PHE B 76 30.42 4.61 14.49
C PHE B 76 30.46 3.09 14.60
N VAL B 77 31.22 2.46 13.70
CA VAL B 77 31.35 1.00 13.67
C VAL B 77 32.78 0.54 13.98
N ILE B 78 32.96 -0.75 14.19
CA ILE B 78 34.26 -1.31 14.51
C ILE B 78 34.79 -2.13 13.34
N GLU B 79 36.05 -1.92 13.02
CA GLU B 79 36.73 -2.61 11.92
C GLU B 79 37.58 -3.73 12.52
N GLY B 80 37.73 -4.84 11.78
CA GLY B 80 38.55 -5.93 12.29
C GLY B 80 38.70 -7.12 11.36
N PRO B 81 39.75 -7.94 11.58
CA PRO B 81 40.01 -9.13 10.75
C PRO B 81 39.12 -10.28 11.21
N THR B 82 38.92 -11.25 10.33
CA THR B 82 38.07 -12.39 10.65
C THR B 82 38.37 -12.98 12.02
N GLU B 83 39.66 -13.12 12.32
CA GLU B 83 40.09 -13.68 13.59
C GLU B 83 39.50 -12.94 14.78
N PHE B 84 39.05 -11.71 14.56
CA PHE B 84 38.47 -10.92 15.65
C PHE B 84 36.99 -11.22 15.84
N PHE B 85 36.28 -11.47 14.75
CA PHE B 85 34.85 -11.76 14.79
C PHE B 85 34.56 -13.21 15.17
N ASN B 86 35.46 -14.10 14.78
CA ASN B 86 35.30 -15.51 15.13
C ASN B 86 35.43 -15.62 16.63
N VAL B 87 36.31 -14.81 17.20
CA VAL B 87 36.54 -14.78 18.64
C VAL B 87 35.29 -14.22 19.30
N THR B 88 34.78 -13.12 18.76
CA THR B 88 33.59 -12.50 19.32
C THR B 88 32.37 -13.38 19.13
N LYS B 89 32.42 -14.27 18.13
CA LYS B 89 31.32 -15.19 17.92
C LYS B 89 31.36 -16.12 19.12
N THR B 90 32.57 -16.58 19.44
CA THR B 90 32.75 -17.45 20.59
C THR B 90 32.27 -16.69 21.82
N PHE B 91 32.82 -15.49 22.04
CA PHE B 91 32.43 -14.67 23.17
C PHE B 91 30.91 -14.65 23.29
N HIS B 92 30.27 -14.35 22.16
CA HIS B 92 28.83 -14.29 22.06
C HIS B 92 28.20 -15.59 22.58
N ASN B 93 28.54 -16.70 21.95
CA ASN B 93 28.01 -18.01 22.32
C ASN B 93 28.38 -18.38 23.74
N ALA B 94 29.51 -17.88 24.22
CA ALA B 94 29.95 -18.18 25.58
C ALA B 94 29.09 -17.45 26.60
N LEU B 95 28.84 -16.16 26.33
CA LEU B 95 28.01 -15.33 27.21
C LEU B 95 26.58 -15.89 27.27
N GLN B 96 26.17 -16.53 26.19
CA GLN B 96 24.85 -17.14 26.12
C GLN B 96 24.96 -18.63 26.41
N GLY B 97 25.51 -18.97 27.58
CA GLY B 97 25.67 -20.37 27.95
C GLY B 97 26.80 -21.06 27.21
N ASN B 98 26.59 -22.31 26.84
CA ASN B 98 27.62 -23.06 26.13
C ASN B 98 28.91 -22.94 26.91
N GLU B 99 28.95 -23.56 28.09
CA GLU B 99 30.13 -23.47 28.93
C GLU B 99 31.19 -24.48 28.54
N SER B 100 31.26 -24.78 27.25
CA SER B 100 32.24 -25.71 26.71
C SER B 100 33.30 -24.94 25.95
N LEU B 101 33.16 -23.61 25.97
CA LEU B 101 34.09 -22.72 25.30
C LEU B 101 35.22 -22.31 26.24
N LYS B 102 36.41 -22.12 25.68
CA LYS B 102 37.60 -21.75 26.44
C LYS B 102 38.15 -20.37 26.06
N LEU B 103 38.31 -19.49 27.04
CA LEU B 103 38.85 -18.17 26.74
C LEU B 103 40.35 -18.12 26.98
N THR B 104 41.11 -18.01 25.89
CA THR B 104 42.56 -17.97 25.96
C THR B 104 43.11 -16.55 25.89
N GLU B 105 44.42 -16.43 26.06
CA GLU B 105 45.08 -15.13 26.01
C GLU B 105 45.15 -14.62 24.58
N GLU B 106 45.44 -15.51 23.63
CA GLU B 106 45.50 -15.12 22.23
C GLU B 106 44.20 -14.40 21.90
N MET B 107 43.14 -14.79 22.58
CA MET B 107 41.82 -14.20 22.36
C MET B 107 41.69 -12.84 23.05
N LYS B 108 42.01 -12.75 24.35
CA LYS B 108 41.91 -11.48 25.07
C LYS B 108 42.82 -10.44 24.42
N GLU B 109 44.01 -10.86 24.02
CA GLU B 109 44.95 -9.96 23.38
C GLU B 109 44.33 -9.41 22.10
N LEU B 110 43.87 -10.31 21.24
CA LEU B 110 43.25 -9.91 19.98
C LEU B 110 42.11 -8.95 20.27
N TYR B 111 41.16 -9.41 21.07
CA TYR B 111 40.01 -8.60 21.43
C TYR B 111 40.42 -7.20 21.92
N LEU B 112 41.23 -7.16 22.97
CA LEU B 112 41.67 -5.89 23.54
C LEU B 112 42.45 -5.00 22.56
N ASN B 113 43.29 -5.61 21.73
CA ASN B 113 44.06 -4.82 20.77
C ASN B 113 43.13 -4.16 19.76
N VAL B 114 42.29 -4.96 19.11
CA VAL B 114 41.37 -4.43 18.13
C VAL B 114 40.64 -3.24 18.73
N ASN B 115 40.36 -3.31 20.03
CA ASN B 115 39.66 -2.23 20.71
C ASN B 115 40.52 -0.99 20.91
N ARG B 116 41.82 -1.22 21.10
CA ARG B 116 42.76 -0.12 21.30
C ARG B 116 42.88 0.67 20.00
N GLU B 117 43.19 -0.03 18.91
CA GLU B 117 43.35 0.60 17.60
C GLU B 117 42.13 1.42 17.17
N ASN B 118 40.97 0.78 17.13
CA ASN B 118 39.75 1.48 16.74
C ASN B 118 39.42 2.63 17.68
N SER B 119 40.12 2.74 18.80
CA SER B 119 39.85 3.81 19.75
C SER B 119 40.64 5.07 19.44
N LYS B 120 41.73 4.93 18.68
CA LYS B 120 42.58 6.06 18.34
C LYS B 120 42.14 6.81 17.08
N PHE B 121 41.03 6.40 16.50
CA PHE B 121 40.53 7.06 15.30
C PHE B 121 39.58 8.19 15.64
N ILE B 122 38.65 7.93 16.55
CA ILE B 122 37.67 8.94 16.94
C ILE B 122 37.54 9.06 18.46
N ASP B 123 37.82 10.24 19.00
CA ASP B 123 37.71 10.46 20.44
C ASP B 123 36.25 10.42 20.91
N LEU B 124 35.89 9.35 21.58
CA LEU B 124 34.54 9.16 22.07
C LEU B 124 34.25 9.92 23.37
N SER B 125 35.28 10.10 24.20
CA SER B 125 35.09 10.80 25.47
C SER B 125 34.60 12.24 25.29
N SER B 126 34.73 12.76 24.08
CA SER B 126 34.32 14.12 23.78
C SER B 126 32.81 14.33 23.68
N PHE B 127 32.08 13.26 23.39
CA PHE B 127 30.62 13.34 23.24
C PHE B 127 29.85 13.34 24.57
N ASP B 128 28.78 14.12 24.61
CA ASP B 128 27.96 14.23 25.81
C ASP B 128 27.44 12.88 26.29
N TYR B 129 27.23 11.96 25.36
CA TYR B 129 26.75 10.62 25.69
C TYR B 129 27.24 9.55 24.70
N VAL B 130 27.73 8.43 25.24
CA VAL B 130 28.23 7.34 24.41
C VAL B 130 27.52 6.02 24.70
N LEU B 131 27.05 5.36 23.64
CA LEU B 131 26.37 4.08 23.78
C LEU B 131 27.17 3.03 23.03
N VAL B 132 27.44 1.92 23.70
CA VAL B 132 28.21 0.85 23.07
C VAL B 132 27.32 -0.37 22.97
N HIS B 133 27.20 -0.93 21.77
CA HIS B 133 26.36 -2.09 21.52
C HIS B 133 27.08 -3.43 21.47
N ASP B 134 26.68 -4.33 22.37
CA ASP B 134 27.23 -5.68 22.47
C ASP B 134 28.72 -5.79 22.76
N PRO B 135 29.19 -6.99 23.14
CA PRO B 135 30.58 -7.32 23.47
C PRO B 135 31.77 -6.68 22.74
N GLN B 136 31.88 -6.96 21.44
CA GLN B 136 32.98 -6.49 20.60
C GLN B 136 33.61 -5.15 20.98
N PRO B 137 32.80 -4.09 21.15
CA PRO B 137 33.37 -2.79 21.51
C PRO B 137 33.28 -2.42 23.00
N ALA B 138 33.04 -3.40 23.86
CA ALA B 138 32.92 -3.12 25.29
C ALA B 138 34.20 -2.53 25.84
N ALA B 139 35.33 -3.10 25.45
CA ALA B 139 36.64 -2.66 25.92
C ALA B 139 36.94 -1.19 25.68
N LEU B 140 36.35 -0.61 24.66
CA LEU B 140 36.57 0.80 24.34
C LEU B 140 36.60 1.71 25.57
N ILE B 141 35.66 1.50 26.48
CA ILE B 141 35.53 2.33 27.66
C ILE B 141 36.80 2.61 28.47
N GLU B 142 37.85 1.82 28.29
CA GLU B 142 39.06 2.12 29.06
C GLU B 142 40.20 2.61 28.19
N PHE B 143 39.86 3.37 27.16
CA PHE B 143 40.86 3.93 26.25
C PHE B 143 40.59 5.42 26.05
N TYR B 144 39.94 6.01 27.05
CA TYR B 144 39.62 7.44 27.05
C TYR B 144 39.34 7.79 28.48
N GLU B 145 39.51 9.06 28.84
CA GLU B 145 39.20 9.48 30.19
C GLU B 145 37.75 9.95 30.15
N LYS B 146 36.88 9.26 30.88
CA LYS B 146 35.48 9.62 30.90
C LYS B 146 35.24 11.08 31.25
N LYS B 147 34.37 11.71 30.49
CA LYS B 147 34.02 13.12 30.70
C LYS B 147 32.50 13.18 30.68
N SER B 148 31.91 12.13 30.13
CA SER B 148 30.46 12.01 30.02
C SER B 148 30.01 10.59 30.35
N PRO B 149 28.70 10.38 30.52
CA PRO B 149 28.20 9.04 30.85
C PRO B 149 28.40 8.05 29.69
N TRP B 150 28.72 6.82 30.02
CA TRP B 150 28.90 5.76 29.03
C TRP B 150 27.85 4.69 29.30
N LEU B 151 27.19 4.25 28.24
CA LEU B 151 26.15 3.24 28.36
C LEU B 151 26.47 1.94 27.64
N TRP B 152 26.15 0.83 28.30
CA TRP B 152 26.36 -0.50 27.76
C TRP B 152 25.02 -1.08 27.36
N ARG B 153 24.88 -1.39 26.09
CA ARG B 153 23.64 -1.95 25.56
C ARG B 153 23.84 -3.41 25.25
N CYS B 154 23.05 -4.27 25.90
CA CYS B 154 23.16 -5.70 25.68
C CYS B 154 22.00 -6.22 24.84
N HIS B 155 22.32 -6.99 23.80
CA HIS B 155 21.32 -7.56 22.92
C HIS B 155 21.31 -9.07 22.99
N ILE B 156 21.78 -9.62 24.10
CA ILE B 156 21.86 -11.06 24.25
C ILE B 156 21.55 -11.45 25.69
N ASP B 157 21.53 -12.74 25.98
CA ASP B 157 21.23 -13.16 27.34
C ASP B 157 22.47 -13.27 28.20
N LEU B 158 22.36 -12.75 29.41
CA LEU B 158 23.44 -12.77 30.38
C LEU B 158 22.92 -13.28 31.72
N SER B 159 22.18 -14.38 31.68
CA SER B 159 21.65 -14.96 32.91
C SER B 159 22.48 -16.19 33.25
N SER B 160 22.89 -16.91 32.22
CA SER B 160 23.71 -18.10 32.38
C SER B 160 24.91 -18.03 31.45
N PRO B 161 25.82 -17.08 31.68
CA PRO B 161 27.01 -16.90 30.86
C PRO B 161 28.20 -17.76 31.29
N ASN B 162 29.07 -18.07 30.33
CA ASN B 162 30.26 -18.86 30.59
C ASN B 162 31.17 -18.05 31.55
N ARG B 163 31.22 -18.46 32.81
CA ARG B 163 32.01 -17.80 33.84
C ARG B 163 33.33 -17.17 33.34
N GLU B 164 34.22 -17.97 32.75
CA GLU B 164 35.50 -17.48 32.24
C GLU B 164 35.34 -16.18 31.46
N PHE B 165 34.41 -16.19 30.50
CA PHE B 165 34.17 -15.03 29.66
C PHE B 165 33.52 -13.83 30.35
N TRP B 166 32.63 -14.08 31.31
CA TRP B 166 31.96 -12.97 31.98
C TRP B 166 32.89 -12.20 32.91
N GLU B 167 33.82 -12.90 33.57
CA GLU B 167 34.75 -12.26 34.49
C GLU B 167 35.67 -11.33 33.71
N PHE B 168 35.81 -11.60 32.43
CA PHE B 168 36.66 -10.80 31.55
C PHE B 168 35.93 -9.57 31.01
N LEU B 169 34.72 -9.78 30.51
CA LEU B 169 33.93 -8.67 29.97
C LEU B 169 33.50 -7.72 31.08
N ARG B 170 33.22 -8.27 32.25
CA ARG B 170 32.77 -7.50 33.41
C ARG B 170 33.75 -6.40 33.83
N ARG B 171 35.00 -6.48 33.38
CA ARG B 171 35.99 -5.47 33.75
C ARG B 171 35.74 -4.22 32.91
N PHE B 172 34.95 -4.39 31.86
CA PHE B 172 34.62 -3.30 30.96
C PHE B 172 33.20 -2.81 31.22
N VAL B 173 32.25 -3.73 31.27
CA VAL B 173 30.86 -3.37 31.52
C VAL B 173 30.67 -2.61 32.83
N GLU B 174 31.30 -3.08 33.91
CA GLU B 174 31.15 -2.43 35.21
C GLU B 174 31.53 -0.96 35.18
N LYS B 175 32.33 -0.56 34.19
CA LYS B 175 32.76 0.83 34.05
C LYS B 175 31.63 1.78 33.64
N TYR B 176 30.84 1.40 32.64
CA TYR B 176 29.73 2.21 32.15
C TYR B 176 28.79 2.70 33.26
N ASP B 177 28.07 3.79 32.99
CA ASP B 177 27.14 4.38 33.97
C ASP B 177 25.84 3.61 34.13
N ARG B 178 25.32 3.10 33.02
CA ARG B 178 24.08 2.32 33.05
C ARG B 178 24.24 1.17 32.06
N TYR B 179 23.72 0.00 32.42
CA TYR B 179 23.79 -1.15 31.52
C TYR B 179 22.35 -1.42 31.10
N ILE B 180 22.13 -1.56 29.80
CA ILE B 180 20.77 -1.79 29.28
C ILE B 180 20.52 -3.21 28.78
N PHE B 181 19.44 -3.82 29.29
CA PHE B 181 19.08 -5.19 28.91
C PHE B 181 17.64 -5.27 28.40
N HIS B 182 17.37 -6.29 27.59
CA HIS B 182 16.03 -6.47 27.03
C HIS B 182 15.03 -6.86 28.11
N LEU B 183 15.47 -7.74 29.01
CA LEU B 183 14.62 -8.26 30.09
C LEU B 183 15.26 -8.45 31.45
N PRO B 184 14.49 -8.19 32.52
CA PRO B 184 14.99 -8.32 33.90
C PRO B 184 15.32 -9.77 34.24
N GLU B 185 16.18 -10.38 33.42
CA GLU B 185 16.60 -11.76 33.63
C GLU B 185 18.01 -11.86 33.09
N TYR B 186 18.34 -10.95 32.17
CA TYR B 186 19.65 -10.90 31.53
C TYR B 186 20.61 -10.06 32.35
N VAL B 187 20.10 -9.45 33.41
CA VAL B 187 20.91 -8.58 34.27
C VAL B 187 21.75 -9.33 35.30
N GLN B 188 22.98 -9.68 34.94
CA GLN B 188 23.87 -10.39 35.84
C GLN B 188 24.01 -9.70 37.20
N PRO B 189 24.08 -10.50 38.27
CA PRO B 189 24.24 -10.00 39.65
C PRO B 189 25.53 -9.24 39.93
N GLU B 190 26.62 -9.62 39.24
CA GLU B 190 27.91 -8.96 39.43
C GLU B 190 27.77 -7.46 39.18
N LEU B 191 26.59 -7.05 38.73
CA LEU B 191 26.31 -5.66 38.41
C LEU B 191 25.37 -5.04 39.44
N ASP B 192 25.41 -3.71 39.53
CA ASP B 192 24.58 -2.97 40.48
C ASP B 192 23.21 -2.66 39.89
N ARG B 193 22.19 -3.42 40.29
CA ARG B 193 20.84 -3.23 39.77
C ARG B 193 20.37 -1.78 39.78
N ASN B 194 20.97 -0.93 40.61
CA ASN B 194 20.57 0.46 40.66
C ASN B 194 20.97 1.16 39.36
N LYS B 195 22.06 0.70 38.76
CA LYS B 195 22.54 1.30 37.53
C LYS B 195 22.27 0.43 36.30
N ALA B 196 21.31 -0.47 36.41
CA ALA B 196 20.93 -1.33 35.29
C ALA B 196 19.61 -0.82 34.74
N VAL B 197 19.39 -0.96 33.44
CA VAL B 197 18.15 -0.50 32.85
C VAL B 197 17.50 -1.51 31.91
N ILE B 198 16.19 -1.65 32.06
CA ILE B 198 15.42 -2.58 31.23
C ILE B 198 14.82 -1.82 30.04
N MET B 199 15.27 -2.17 28.84
CA MET B 199 14.79 -1.52 27.64
C MET B 199 14.48 -2.61 26.61
N PRO B 200 13.21 -3.02 26.54
CA PRO B 200 12.85 -4.07 25.58
C PRO B 200 13.22 -3.63 24.20
N PRO B 201 13.39 -4.60 23.30
CA PRO B 201 13.73 -4.19 21.93
C PRO B 201 12.47 -3.56 21.35
N SER B 202 12.46 -3.35 20.05
CA SER B 202 11.31 -2.73 19.41
C SER B 202 11.31 -3.03 17.93
N ILE B 203 10.16 -2.76 17.32
CA ILE B 203 10.01 -2.99 15.89
C ILE B 203 9.74 -1.69 15.19
N ASP B 204 10.22 -1.61 13.95
CA ASP B 204 10.04 -0.43 13.13
C ASP B 204 8.81 -0.60 12.25
N PRO B 205 7.73 0.12 12.57
CA PRO B 205 6.49 0.05 11.79
C PRO B 205 6.70 0.35 10.30
N LEU B 206 7.90 0.76 9.92
CA LEU B 206 8.14 1.11 8.53
C LEU B 206 9.15 0.21 7.85
N SER B 207 9.66 -0.77 8.59
CA SER B 207 10.64 -1.69 8.04
C SER B 207 9.99 -2.78 7.17
N GLU B 208 10.76 -3.26 6.18
CA GLU B 208 10.30 -4.30 5.27
C GLU B 208 9.52 -5.38 5.99
N LYS B 209 10.01 -5.77 7.15
CA LYS B 209 9.37 -6.80 7.94
C LYS B 209 8.00 -6.46 8.51
N ASN B 210 7.80 -5.19 8.83
CA ASN B 210 6.54 -4.76 9.44
C ASN B 210 5.66 -3.81 8.65
N VAL B 211 6.12 -3.34 7.49
CA VAL B 211 5.31 -2.40 6.72
C VAL B 211 4.07 -3.10 6.14
N GLU B 212 2.99 -2.34 5.95
CA GLU B 212 1.76 -2.92 5.42
C GLU B 212 1.76 -3.09 3.91
N LEU B 213 1.92 -4.33 3.48
CA LEU B 213 1.93 -4.69 2.08
C LEU B 213 0.54 -4.49 1.45
N LYS B 214 0.48 -4.49 0.13
CA LYS B 214 -0.78 -4.36 -0.58
C LYS B 214 -1.27 -5.77 -0.91
N GLN B 215 -2.56 -6.00 -0.67
CA GLN B 215 -3.20 -7.28 -0.93
C GLN B 215 -2.62 -8.05 -2.12
N THR B 216 -2.45 -7.39 -3.25
CA THR B 216 -1.92 -8.07 -4.43
C THR B 216 -0.57 -8.71 -4.22
N GLU B 217 0.30 -8.07 -3.46
CA GLU B 217 1.63 -8.64 -3.20
C GLU B 217 1.53 -9.81 -2.24
N ILE B 218 0.67 -9.67 -1.24
CA ILE B 218 0.49 -10.72 -0.28
C ILE B 218 0.08 -11.96 -1.04
N LEU B 219 -0.88 -11.80 -1.95
CA LEU B 219 -1.36 -12.93 -2.73
C LEU B 219 -0.31 -13.45 -3.71
N ARG B 220 0.59 -12.60 -4.17
CA ARG B 220 1.63 -13.07 -5.09
C ARG B 220 2.51 -14.00 -4.26
N ILE B 221 2.88 -13.53 -3.08
CA ILE B 221 3.74 -14.32 -2.20
C ILE B 221 3.03 -15.56 -1.73
N LEU B 222 1.74 -15.46 -1.47
CA LEU B 222 1.02 -16.64 -1.02
C LEU B 222 1.01 -17.67 -2.15
N GLU B 223 0.77 -17.21 -3.36
CA GLU B 223 0.73 -18.10 -4.52
C GLU B 223 2.09 -18.65 -4.88
N ARG B 224 3.14 -17.87 -4.65
CA ARG B 224 4.50 -18.30 -4.97
C ARG B 224 4.90 -19.49 -4.11
N PHE B 225 4.52 -19.49 -2.84
CA PHE B 225 4.90 -20.60 -1.96
C PHE B 225 3.76 -21.60 -1.73
N ASP B 226 2.81 -21.61 -2.65
CA ASP B 226 1.68 -22.52 -2.62
C ASP B 226 0.89 -22.53 -1.32
N VAL B 227 0.47 -21.34 -0.87
CA VAL B 227 -0.29 -21.21 0.36
C VAL B 227 -1.70 -20.70 0.02
N ASP B 228 -2.72 -21.44 0.42
CA ASP B 228 -4.09 -21.03 0.13
C ASP B 228 -4.67 -20.03 1.13
N PRO B 229 -4.90 -18.79 0.67
CA PRO B 229 -5.46 -17.70 1.49
C PRO B 229 -6.94 -17.88 1.73
N GLU B 230 -7.49 -18.87 1.06
CA GLU B 230 -8.92 -19.17 1.18
C GLU B 230 -9.18 -20.22 2.25
N LYS B 231 -8.13 -20.77 2.83
CA LYS B 231 -8.28 -21.77 3.88
C LYS B 231 -7.63 -21.27 5.16
N PRO B 232 -8.01 -21.84 6.31
CA PRO B 232 -7.41 -21.38 7.56
C PRO B 232 -5.86 -21.57 7.59
N ILE B 233 -5.19 -20.72 8.35
CA ILE B 233 -3.75 -20.74 8.48
C ILE B 233 -3.23 -20.44 9.88
N ILE B 234 -2.38 -21.33 10.40
CA ILE B 234 -1.76 -21.11 11.70
C ILE B 234 -0.29 -20.99 11.34
N THR B 235 0.45 -20.18 12.09
CA THR B 235 1.85 -19.91 11.76
C THR B 235 2.81 -19.67 12.90
N GLN B 236 3.98 -20.29 12.83
CA GLN B 236 5.00 -20.02 13.83
C GLN B 236 6.26 -19.60 13.09
N VAL B 237 6.64 -18.34 13.28
CA VAL B 237 7.84 -17.79 12.70
C VAL B 237 8.90 -17.96 13.77
N SER B 238 10.01 -18.60 13.42
CA SER B 238 11.07 -18.76 14.40
C SER B 238 12.24 -19.56 13.85
N ARG B 239 13.38 -19.36 14.50
CA ARG B 239 14.60 -20.05 14.14
C ARG B 239 14.31 -21.54 14.35
N PHE B 240 15.01 -22.40 13.61
CA PHE B 240 14.83 -23.83 13.73
C PHE B 240 15.80 -24.44 14.74
N ASP B 241 15.33 -24.64 15.96
CA ASP B 241 16.14 -25.25 16.99
C ASP B 241 15.23 -26.02 17.96
N PRO B 242 15.78 -27.07 18.58
CA PRO B 242 15.14 -27.98 19.53
C PRO B 242 14.23 -27.39 20.59
N TRP B 243 14.38 -26.10 20.88
CA TRP B 243 13.58 -25.48 21.93
C TRP B 243 12.63 -24.36 21.55
N LYS B 244 12.11 -24.40 20.32
CA LYS B 244 11.19 -23.37 19.90
C LYS B 244 9.80 -23.97 19.76
N GLY B 245 9.58 -25.14 20.36
CA GLY B 245 8.26 -25.77 20.27
C GLY B 245 7.82 -26.20 18.87
N ILE B 246 8.73 -26.20 17.90
CA ILE B 246 8.37 -26.57 16.53
C ILE B 246 7.67 -27.91 16.36
N PHE B 247 8.08 -28.92 17.10
CA PHE B 247 7.42 -30.21 16.99
C PHE B 247 6.05 -30.20 17.67
N ASP B 248 5.90 -29.35 18.68
CA ASP B 248 4.63 -29.26 19.39
C ASP B 248 3.64 -28.60 18.46
N VAL B 249 4.10 -27.59 17.73
CA VAL B 249 3.28 -26.86 16.77
C VAL B 249 2.77 -27.86 15.74
N ILE B 250 3.66 -28.73 15.27
CA ILE B 250 3.28 -29.74 14.30
C ILE B 250 2.23 -30.67 14.93
N GLU B 251 2.31 -30.90 16.23
CA GLU B 251 1.32 -31.76 16.83
C GLU B 251 0.03 -30.99 16.94
N ILE B 252 0.14 -29.72 17.31
CA ILE B 252 -1.05 -28.90 17.47
C ILE B 252 -1.79 -28.82 16.15
N TYR B 253 -1.05 -28.54 15.09
CA TYR B 253 -1.62 -28.43 13.77
C TYR B 253 -2.36 -29.73 13.42
N ARG B 254 -1.75 -30.87 13.71
CA ARG B 254 -2.39 -32.13 13.40
C ARG B 254 -3.72 -32.34 14.13
N LYS B 255 -3.73 -32.08 15.43
CA LYS B 255 -4.95 -32.25 16.25
C LYS B 255 -6.05 -31.31 15.79
N VAL B 256 -5.66 -30.08 15.47
CA VAL B 256 -6.61 -29.08 15.01
C VAL B 256 -7.18 -29.56 13.67
N LYS B 257 -6.30 -30.16 12.86
CA LYS B 257 -6.67 -30.64 11.53
C LYS B 257 -7.70 -31.75 11.53
N GLU B 258 -7.95 -32.33 12.69
CA GLU B 258 -8.93 -33.38 12.78
C GLU B 258 -10.33 -32.77 12.64
N LYS B 259 -10.52 -31.62 13.28
CA LYS B 259 -11.79 -30.91 13.25
C LYS B 259 -11.86 -29.87 12.14
N ILE B 260 -10.70 -29.43 11.65
CA ILE B 260 -10.64 -28.42 10.59
C ILE B 260 -9.64 -28.89 9.52
N PRO B 261 -10.02 -29.92 8.77
CA PRO B 261 -9.25 -30.56 7.69
C PRO B 261 -8.64 -29.65 6.64
N GLY B 262 -8.98 -28.37 6.66
CA GLY B 262 -8.43 -27.48 5.66
C GLY B 262 -7.30 -26.62 6.18
N VAL B 263 -7.11 -26.63 7.51
CA VAL B 263 -6.05 -25.84 8.11
C VAL B 263 -4.68 -26.13 7.52
N GLN B 264 -3.87 -25.09 7.41
CA GLN B 264 -2.52 -25.20 6.88
C GLN B 264 -1.60 -24.67 7.98
N LEU B 265 -0.41 -25.24 8.08
CA LEU B 265 0.55 -24.81 9.08
C LEU B 265 1.76 -24.17 8.38
N LEU B 266 2.13 -22.97 8.82
CA LEU B 266 3.29 -22.32 8.23
C LEU B 266 4.43 -22.27 9.22
N LEU B 267 5.52 -22.95 8.87
CA LEU B 267 6.72 -22.96 9.68
C LEU B 267 7.68 -22.07 8.89
N VAL B 268 7.78 -20.84 9.35
CA VAL B 268 8.60 -19.82 8.73
C VAL B 268 9.89 -19.60 9.48
N GLY B 269 10.98 -19.36 8.76
CA GLY B 269 12.23 -19.12 9.44
C GLY B 269 13.47 -18.82 8.63
N VAL B 270 14.11 -17.68 8.88
CA VAL B 270 15.33 -17.34 8.16
C VAL B 270 16.53 -17.62 9.04
N MET B 271 17.44 -18.45 8.55
CA MET B 271 18.62 -18.80 9.31
C MET B 271 19.88 -18.65 8.47
N ALA B 272 20.95 -18.18 9.10
CA ALA B 272 22.23 -17.97 8.42
C ALA B 272 22.83 -19.30 7.97
N HIS B 273 23.58 -19.25 6.87
CA HIS B 273 24.20 -20.44 6.29
C HIS B 273 25.32 -21.05 7.13
N ASP B 274 25.77 -20.33 8.14
CA ASP B 274 26.83 -20.83 9.02
C ASP B 274 26.21 -21.26 10.34
N ASP B 275 25.09 -21.98 10.24
CA ASP B 275 24.37 -22.45 11.42
C ASP B 275 23.91 -23.88 11.21
N PRO B 276 24.86 -24.83 11.08
CA PRO B 276 24.51 -26.24 10.86
C PRO B 276 23.49 -26.73 11.87
N GLU B 277 23.61 -26.26 13.11
CA GLU B 277 22.70 -26.62 14.18
C GLU B 277 21.28 -26.42 13.69
N GLY B 278 20.99 -25.19 13.28
CA GLY B 278 19.66 -24.87 12.79
C GLY B 278 19.23 -25.67 11.58
N TRP B 279 20.16 -25.88 10.65
CA TRP B 279 19.84 -26.63 9.45
C TRP B 279 19.59 -28.12 9.70
N ILE B 280 20.22 -28.69 10.73
CA ILE B 280 19.98 -30.09 11.05
C ILE B 280 18.59 -30.21 11.68
N TYR B 281 18.18 -29.21 12.45
CA TYR B 281 16.86 -29.28 13.05
C TYR B 281 15.83 -29.05 11.93
N PHE B 282 16.28 -28.38 10.88
CA PHE B 282 15.46 -28.08 9.72
C PHE B 282 15.15 -29.39 8.98
N GLU B 283 16.20 -30.16 8.68
CA GLU B 283 16.01 -31.42 7.99
C GLU B 283 15.12 -32.31 8.84
N LYS B 284 15.38 -32.32 10.15
CA LYS B 284 14.61 -33.12 11.09
C LYS B 284 13.13 -32.78 11.03
N THR B 285 12.81 -31.50 10.95
CA THR B 285 11.43 -31.04 10.88
C THR B 285 10.74 -31.62 9.66
N LEU B 286 11.34 -31.39 8.50
CA LEU B 286 10.80 -31.90 7.25
C LEU B 286 10.57 -33.39 7.28
N ARG B 287 11.48 -34.13 7.89
CA ARG B 287 11.34 -35.57 7.93
C ARG B 287 10.16 -35.97 8.81
N LYS B 288 9.91 -35.17 9.85
CA LYS B 288 8.79 -35.45 10.74
C LYS B 288 7.48 -35.04 10.07
N ILE B 289 7.52 -33.93 9.33
CA ILE B 289 6.34 -33.46 8.64
C ILE B 289 5.95 -34.49 7.58
N GLY B 290 6.93 -35.16 7.01
CA GLY B 290 6.63 -36.14 5.98
C GLY B 290 6.03 -35.47 4.77
N GLU B 291 5.30 -36.21 3.95
CA GLU B 291 4.73 -35.66 2.74
C GLU B 291 3.38 -34.95 2.90
N ASP B 292 3.22 -34.18 3.97
CA ASP B 292 1.98 -33.45 4.20
C ASP B 292 2.18 -32.00 3.72
N TYR B 293 1.92 -31.74 2.45
CA TYR B 293 2.14 -30.39 1.94
C TYR B 293 1.13 -29.33 2.36
N ASP B 294 0.39 -29.57 3.43
CA ASP B 294 -0.56 -28.61 3.95
C ASP B 294 0.22 -27.85 5.00
N VAL B 295 1.42 -28.37 5.23
CA VAL B 295 2.37 -27.78 6.15
C VAL B 295 3.38 -27.15 5.21
N LYS B 296 3.65 -25.86 5.39
CA LYS B 296 4.62 -25.17 4.55
C LYS B 296 5.83 -24.81 5.39
N VAL B 297 7.01 -25.20 4.92
CA VAL B 297 8.25 -24.93 5.61
C VAL B 297 8.89 -23.87 4.77
N LEU B 298 8.85 -22.64 5.25
CA LEU B 298 9.38 -21.51 4.52
C LEU B 298 10.60 -20.89 5.16
N THR B 299 11.69 -20.85 4.39
CA THR B 299 12.94 -20.30 4.86
C THR B 299 13.65 -19.61 3.70
N ASN B 300 14.73 -18.91 4.01
CA ASN B 300 15.50 -18.18 3.01
C ASN B 300 16.22 -19.07 1.97
N LEU B 301 16.32 -20.36 2.27
CA LEU B 301 16.95 -21.32 1.38
C LEU B 301 16.11 -21.39 0.10
N ILE B 302 14.81 -21.27 0.29
CA ILE B 302 13.83 -21.32 -0.79
C ILE B 302 13.45 -19.89 -1.21
N GLY B 303 14.18 -18.89 -0.69
CA GLY B 303 13.89 -17.52 -1.05
C GLY B 303 12.94 -16.73 -0.18
N VAL B 304 12.78 -17.13 1.07
CA VAL B 304 11.90 -16.40 1.97
C VAL B 304 12.72 -15.35 2.74
N HIS B 305 12.25 -14.11 2.72
CA HIS B 305 12.94 -13.05 3.41
C HIS B 305 11.96 -12.17 4.13
N ALA B 306 12.46 -11.08 4.70
CA ALA B 306 11.64 -10.16 5.46
C ALA B 306 10.27 -9.83 4.84
N ARG B 307 10.27 -9.41 3.58
CA ARG B 307 9.02 -9.06 2.94
C ARG B 307 8.06 -10.25 2.82
N GLU B 308 8.59 -11.45 2.58
CA GLU B 308 7.75 -12.65 2.50
C GLU B 308 7.29 -13.06 3.90
N VAL B 309 8.16 -12.90 4.89
CA VAL B 309 7.81 -13.22 6.27
C VAL B 309 6.64 -12.31 6.65
N ASN B 310 6.73 -11.06 6.23
CA ASN B 310 5.70 -10.04 6.47
C ASN B 310 4.37 -10.60 5.95
N ALA B 311 4.42 -11.13 4.74
CA ALA B 311 3.24 -11.70 4.07
C ALA B 311 2.64 -12.89 4.83
N PHE B 312 3.48 -13.85 5.17
CA PHE B 312 3.03 -15.03 5.88
C PHE B 312 2.37 -14.65 7.19
N GLN B 313 2.91 -13.67 7.87
CA GLN B 313 2.32 -13.24 9.11
C GLN B 313 0.93 -12.62 8.91
N ARG B 314 0.85 -11.67 7.97
CA ARG B 314 -0.42 -11.01 7.70
C ARG B 314 -1.53 -11.95 7.23
N ALA B 315 -1.16 -12.93 6.42
CA ALA B 315 -2.11 -13.88 5.88
C ALA B 315 -2.58 -14.90 6.91
N SER B 316 -1.94 -14.90 8.08
CA SER B 316 -2.28 -15.86 9.14
C SER B 316 -3.52 -15.53 9.95
N ASP B 317 -4.22 -16.59 10.37
CA ASP B 317 -5.43 -16.49 11.17
C ASP B 317 -5.08 -16.53 12.66
N VAL B 318 -4.07 -17.32 13.00
CA VAL B 318 -3.59 -17.47 14.37
C VAL B 318 -2.08 -17.63 14.32
N ILE B 319 -1.36 -16.98 15.22
CA ILE B 319 0.09 -17.13 15.23
C ILE B 319 0.53 -17.81 16.52
N LEU B 320 1.52 -18.71 16.41
CA LEU B 320 2.01 -19.41 17.58
C LEU B 320 3.46 -19.13 17.94
N GLN B 321 3.81 -19.39 19.20
CA GLN B 321 5.17 -19.20 19.64
C GLN B 321 5.34 -20.06 20.88
N MET B 322 5.47 -21.36 20.64
CA MET B 322 5.62 -22.35 21.69
C MET B 322 7.08 -22.60 22.07
N SER B 323 7.83 -21.52 22.29
CA SER B 323 9.22 -21.64 22.68
C SER B 323 9.27 -22.19 24.10
N ILE B 324 10.28 -23.02 24.35
CA ILE B 324 10.50 -23.64 25.64
C ILE B 324 11.49 -22.76 26.40
N ARG B 325 12.34 -22.09 25.63
CA ARG B 325 13.34 -21.16 26.15
C ARG B 325 13.42 -20.05 25.10
N ALA B 326 13.19 -18.80 25.51
CA ALA B 326 13.22 -17.71 24.56
C ALA B 326 13.76 -16.38 25.08
N GLY B 327 14.24 -15.56 24.14
CA GLY B 327 14.74 -14.27 24.52
C GLY B 327 13.53 -13.37 24.66
N PHE B 328 13.57 -12.21 24.00
CA PHE B 328 12.46 -11.27 24.08
C PHE B 328 11.29 -11.69 23.22
N GLY B 329 11.60 -12.27 22.06
CA GLY B 329 10.57 -12.72 21.13
C GLY B 329 9.97 -11.65 20.23
N LEU B 330 10.80 -10.98 19.43
CA LEU B 330 10.29 -9.96 18.52
C LEU B 330 9.25 -10.52 17.56
N THR B 331 9.37 -11.80 17.24
CA THR B 331 8.40 -12.44 16.34
C THR B 331 7.00 -12.28 16.91
N VAL B 332 6.88 -12.35 18.23
CA VAL B 332 5.58 -12.18 18.87
C VAL B 332 5.15 -10.74 18.69
N THR B 333 6.11 -9.84 18.77
CA THR B 333 5.84 -8.41 18.63
C THR B 333 5.33 -8.08 17.23
N GLU B 334 5.97 -8.66 16.22
CA GLU B 334 5.57 -8.41 14.85
C GLU B 334 4.10 -8.84 14.67
N ALA B 335 3.80 -10.06 15.08
CA ALA B 335 2.44 -10.57 14.97
C ALA B 335 1.47 -9.61 15.66
N MET B 336 1.76 -9.28 16.91
CA MET B 336 0.89 -8.39 17.65
C MET B 336 0.65 -7.10 16.86
N TRP B 337 1.69 -6.62 16.18
CA TRP B 337 1.60 -5.41 15.38
C TRP B 337 0.66 -5.61 14.19
N LYS B 338 0.73 -6.78 13.57
CA LYS B 338 -0.12 -7.05 12.42
C LYS B 338 -1.54 -7.45 12.82
N GLY B 339 -1.92 -7.15 14.07
CA GLY B 339 -3.26 -7.44 14.54
C GLY B 339 -3.64 -8.91 14.65
N LYS B 340 -2.63 -9.75 14.86
CA LYS B 340 -2.87 -11.18 14.99
C LYS B 340 -2.79 -11.66 16.44
N PRO B 341 -3.69 -12.56 16.83
CA PRO B 341 -3.66 -13.07 18.19
C PRO B 341 -2.62 -14.19 18.30
N VAL B 342 -1.70 -14.06 19.24
CA VAL B 342 -0.65 -15.05 19.46
C VAL B 342 -1.02 -16.03 20.58
N ILE B 343 -0.52 -17.27 20.45
CA ILE B 343 -0.74 -18.29 21.45
C ILE B 343 0.67 -18.77 21.70
N GLY B 344 1.14 -18.66 22.93
CA GLY B 344 2.49 -19.12 23.20
C GLY B 344 2.82 -19.42 24.64
N ARG B 345 3.97 -20.06 24.86
CA ARG B 345 4.42 -20.39 26.20
C ARG B 345 4.89 -19.17 27.00
N ALA B 346 4.65 -19.20 28.31
CA ALA B 346 5.07 -18.12 29.19
C ALA B 346 6.57 -18.20 29.42
N VAL B 347 7.33 -17.68 28.47
CA VAL B 347 8.79 -17.71 28.58
C VAL B 347 9.37 -16.37 28.14
N GLY B 348 10.60 -16.11 28.55
CA GLY B 348 11.28 -14.87 28.19
C GLY B 348 10.36 -13.72 27.95
N GLY B 349 10.53 -13.06 26.80
CA GLY B 349 9.70 -11.92 26.48
C GLY B 349 8.29 -12.23 26.02
N ILE B 350 7.95 -13.50 25.88
CA ILE B 350 6.63 -13.87 25.42
C ILE B 350 5.57 -13.73 26.50
N LYS B 351 5.99 -13.83 27.75
CA LYS B 351 5.06 -13.70 28.87
C LYS B 351 4.87 -12.22 29.15
N PHE B 352 5.89 -11.44 28.84
CA PHE B 352 5.85 -10.00 29.03
C PHE B 352 4.98 -9.28 27.98
N GLN B 353 4.97 -9.81 26.76
CA GLN B 353 4.20 -9.18 25.69
C GLN B 353 2.77 -9.61 25.61
N ILE B 354 2.52 -10.89 25.84
CA ILE B 354 1.16 -11.37 25.76
C ILE B 354 0.42 -11.09 27.05
N VAL B 355 -0.73 -10.43 26.91
CA VAL B 355 -1.58 -10.14 28.05
C VAL B 355 -2.64 -11.22 27.90
N ASP B 356 -2.44 -12.32 28.61
CA ASP B 356 -3.33 -13.47 28.54
C ASP B 356 -4.81 -13.19 28.64
N GLY B 357 -5.54 -13.66 27.63
CA GLY B 357 -6.97 -13.48 27.60
C GLY B 357 -7.39 -12.16 27.00
N GLU B 358 -6.42 -11.28 26.76
CA GLU B 358 -6.73 -9.98 26.18
C GLU B 358 -6.16 -9.77 24.79
N THR B 359 -4.87 -10.07 24.62
CA THR B 359 -4.19 -9.85 23.34
C THR B 359 -3.80 -11.19 22.70
N GLY B 360 -3.96 -12.25 23.47
CA GLY B 360 -3.60 -13.56 23.00
C GLY B 360 -3.63 -14.46 24.20
N PHE B 361 -3.06 -15.65 24.05
CA PHE B 361 -3.08 -16.59 25.15
C PHE B 361 -1.73 -17.20 25.49
N LEU B 362 -1.52 -17.38 26.77
CA LEU B 362 -0.34 -18.01 27.33
C LEU B 362 -0.77 -19.43 27.73
N VAL B 363 -0.17 -20.43 27.11
CA VAL B 363 -0.53 -21.81 27.41
C VAL B 363 0.65 -22.55 28.04
N ARG B 364 0.35 -23.67 28.68
CA ARG B 364 1.38 -24.46 29.34
C ARG B 364 1.80 -25.66 28.51
N ASP B 365 0.89 -26.16 27.68
CA ASP B 365 1.21 -27.31 26.83
C ASP B 365 0.59 -27.16 25.45
N ALA B 366 0.70 -28.22 24.66
CA ALA B 366 0.18 -28.29 23.30
C ALA B 366 -1.33 -28.46 23.25
N ASN B 367 -1.89 -29.31 24.10
CA ASN B 367 -3.35 -29.49 24.09
C ASN B 367 -4.09 -28.19 24.47
N GLU B 368 -3.53 -27.43 25.40
CA GLU B 368 -4.15 -26.16 25.81
C GLU B 368 -4.04 -25.20 24.61
N ALA B 369 -2.98 -25.35 23.83
CA ALA B 369 -2.77 -24.52 22.65
C ALA B 369 -3.78 -24.92 21.58
N VAL B 370 -4.09 -26.20 21.53
CA VAL B 370 -5.07 -26.68 20.56
C VAL B 370 -6.45 -26.09 20.84
N GLU B 371 -6.82 -26.06 22.11
CA GLU B 371 -8.12 -25.54 22.53
C GLU B 371 -8.29 -24.14 22.02
N VAL B 372 -7.31 -23.31 22.34
CA VAL B 372 -7.35 -21.91 21.96
C VAL B 372 -7.26 -21.66 20.47
N VAL B 373 -6.55 -22.52 19.73
CA VAL B 373 -6.45 -22.29 18.29
C VAL B 373 -7.82 -22.52 17.66
N LEU B 374 -8.59 -23.44 18.24
CA LEU B 374 -9.92 -23.74 17.74
C LEU B 374 -10.88 -22.64 18.22
N TYR B 375 -10.74 -22.21 19.47
CA TYR B 375 -11.59 -21.15 19.98
C TYR B 375 -11.50 -19.99 18.99
N LEU B 376 -10.32 -19.38 18.93
CA LEU B 376 -10.03 -18.30 18.01
C LEU B 376 -10.53 -18.56 16.58
N LEU B 377 -10.12 -19.68 15.99
CA LEU B 377 -10.56 -20.00 14.63
C LEU B 377 -12.08 -20.07 14.55
N LYS B 378 -12.70 -20.47 15.65
CA LYS B 378 -14.15 -20.59 15.67
C LYS B 378 -14.82 -19.23 15.83
N HIS B 379 -14.19 -18.35 16.62
CA HIS B 379 -14.73 -17.01 16.88
C HIS B 379 -13.90 -15.86 16.31
N PRO B 380 -13.89 -15.73 14.98
CA PRO B 380 -13.12 -14.68 14.33
C PRO B 380 -13.23 -13.25 14.92
N GLU B 381 -14.40 -12.88 15.41
CA GLU B 381 -14.59 -11.54 15.99
C GLU B 381 -13.79 -11.38 17.29
N VAL B 382 -13.73 -12.45 18.07
CA VAL B 382 -12.98 -12.44 19.32
C VAL B 382 -11.53 -12.25 18.88
N SER B 383 -11.12 -13.09 17.94
CA SER B 383 -9.77 -13.01 17.42
C SER B 383 -9.47 -11.60 16.95
N LYS B 384 -10.40 -11.01 16.20
CA LYS B 384 -10.24 -9.66 15.70
C LYS B 384 -9.99 -8.70 16.84
N GLU B 385 -10.73 -8.87 17.93
CA GLU B 385 -10.59 -8.03 19.10
C GLU B 385 -9.22 -8.18 19.74
N MET B 386 -8.87 -9.40 20.12
CA MET B 386 -7.58 -9.65 20.72
C MET B 386 -6.48 -9.06 19.86
N GLY B 387 -6.70 -9.15 18.54
CA GLY B 387 -5.71 -8.64 17.62
C GLY B 387 -5.61 -7.15 17.73
N ALA B 388 -6.74 -6.46 17.72
CA ALA B 388 -6.76 -5.00 17.80
C ALA B 388 -6.05 -4.51 19.06
N LYS B 389 -6.30 -5.18 20.17
CA LYS B 389 -5.66 -4.81 21.43
C LYS B 389 -4.17 -5.11 21.38
N ALA B 390 -3.81 -6.22 20.76
CA ALA B 390 -2.42 -6.59 20.67
C ALA B 390 -1.71 -5.51 19.87
N LYS B 391 -2.39 -4.99 18.86
CA LYS B 391 -1.77 -3.98 18.02
C LYS B 391 -1.53 -2.73 18.85
N GLU B 392 -2.51 -2.33 19.65
CA GLU B 392 -2.37 -1.14 20.48
C GLU B 392 -1.24 -1.27 21.48
N ARG B 393 -1.17 -2.42 22.14
CA ARG B 393 -0.14 -2.66 23.14
C ARG B 393 1.21 -2.35 22.54
N VAL B 394 1.40 -2.75 21.29
CA VAL B 394 2.67 -2.50 20.63
C VAL B 394 2.86 -1.03 20.29
N ARG B 395 1.81 -0.42 19.74
CA ARG B 395 1.86 0.98 19.39
C ARG B 395 2.28 1.77 20.62
N LYS B 396 1.76 1.39 21.77
CA LYS B 396 2.07 2.12 22.99
C LYS B 396 3.29 1.63 23.76
N ASN B 397 3.83 0.47 23.41
CA ASN B 397 4.96 -0.04 24.17
C ASN B 397 6.20 -0.49 23.44
N PHE B 398 6.04 -1.12 22.29
CA PHE B 398 7.21 -1.67 21.58
C PHE B 398 7.51 -1.17 20.17
N ILE B 399 7.19 0.08 19.92
CA ILE B 399 7.45 0.72 18.63
C ILE B 399 8.82 1.39 18.73
N ILE B 400 9.49 1.59 17.59
CA ILE B 400 10.81 2.22 17.61
C ILE B 400 10.78 3.67 18.12
N THR B 401 9.64 4.35 18.05
CA THR B 401 9.57 5.72 18.57
C THR B 401 9.52 5.65 20.10
N LYS B 402 8.76 4.69 20.61
CA LYS B 402 8.62 4.49 22.05
C LYS B 402 9.98 4.04 22.56
N HIS B 403 10.75 3.41 21.67
CA HIS B 403 12.08 2.93 22.00
C HIS B 403 12.97 4.15 22.22
N MET B 404 12.94 5.06 21.26
CA MET B 404 13.72 6.29 21.32
C MET B 404 13.31 7.10 22.54
N GLU B 405 12.01 7.24 22.74
CA GLU B 405 11.50 8.01 23.88
C GLU B 405 12.08 7.48 25.17
N ARG B 406 12.37 6.19 25.21
CA ARG B 406 12.94 5.57 26.40
C ARG B 406 14.37 6.08 26.56
N TYR B 407 15.10 6.10 25.46
CA TYR B 407 16.48 6.58 25.49
C TYR B 407 16.56 8.02 25.98
N LEU B 408 15.56 8.82 25.66
CA LEU B 408 15.54 10.19 26.13
C LEU B 408 15.41 10.11 27.65
N ASP B 409 14.32 9.52 28.12
CA ASP B 409 14.09 9.38 29.55
C ASP B 409 15.35 8.99 30.32
N ILE B 410 16.20 8.16 29.70
CA ILE B 410 17.42 7.71 30.33
C ILE B 410 18.49 8.80 30.41
N LEU B 411 18.63 9.55 29.32
CA LEU B 411 19.61 10.63 29.27
C LEU B 411 19.18 11.79 30.16
N ASN B 412 17.87 12.03 30.25
CA ASN B 412 17.38 13.11 31.11
C ASN B 412 17.59 12.64 32.53
N SER B 413 17.72 11.32 32.68
CA SER B 413 17.93 10.65 33.97
C SER B 413 19.35 10.80 34.49
N LEU B 414 20.25 11.31 33.65
CA LEU B 414 21.64 11.46 34.05
C LEU B 414 21.99 12.92 34.35
N GLY B 415 23.20 13.23 34.50
#